data_5NNA
#
_entry.id   5NNA
#
_cell.length_a   37.690
_cell.length_b   70.670
_cell.length_c   92.920
_cell.angle_alpha   108.23
_cell.angle_beta   95.94
_cell.angle_gamma   101.48
#
_symmetry.space_group_name_H-M   'P 1'
#
loop_
_entity.id
_entity.type
_entity.pdbx_description
1 polymer 'isatin hydrolase A'
2 non-polymer 'BENZOIC ACID PHENYLMETHYLESTER'
3 non-polymer 'MANGANESE (II) ION'
4 non-polymer 2-[BIS-(2-HYDROXY-ETHYL)-AMINO]-2-HYDROXYMETHYL-PROPANE-1,3-DIOL
5 non-polymer 'PENTAETHYLENE GLYCOL'
6 non-polymer DI(HYDROXYETHYL)ETHER
7 water water
#
_entity_poly.entity_id   1
_entity_poly.type   'polypeptide(L)'
_entity_poly.pdbx_seq_one_letter_code
;SHHHHHHASSLNQLVSGLASGAVRIVDLTHTLDPDFPVIVLPPEFGQCARFRMEEISAYDHRGPAWKWHNISMSEHTGTH
FDAPSHWISGKDVPNGSVDEIPAEAFVGPVVVIDCSKGAAENDDFELTPEIIAGWESEHGRIPEDAWVLMRTDWSKRRGA
DYLNMRADGPHSPGPTPEAIRFLIEERNIRGFGTETVGTDAGQGAHYVPPYPAHYLLHGAGKYGLQCLANLDQLPATGAV
LIAAPLKIKNGTGSPLRVLAMVTE
;
_entity_poly.pdbx_strand_id   A,B,C,D
#
loop_
_chem_comp.id
_chem_comp.type
_chem_comp.name
_chem_comp.formula
1PE non-polymer 'PENTAETHYLENE GLYCOL' 'C10 H22 O6'
BTB non-polymer 2-[BIS-(2-HYDROXY-ETHYL)-AMINO]-2-HYDROXYMETHYL-PROPANE-1,3-DIOL 'C8 H19 N O5'
BZM non-polymer 'BENZOIC ACID PHENYLMETHYLESTER' 'C14 H12 O2'
MN non-polymer 'MANGANESE (II) ION' 'Mn 2'
PEG non-polymer DI(HYDROXYETHYL)ETHER 'C4 H10 O3'
#
# COMPACT_ATOMS: atom_id res chain seq x y z
N SER A 9 10.07 -43.10 -19.74
CA SER A 9 10.22 -42.44 -18.43
C SER A 9 8.88 -42.32 -17.72
N SER A 10 8.93 -42.10 -16.40
CA SER A 10 7.68 -41.85 -15.70
C SER A 10 7.10 -40.49 -16.11
N LEU A 11 7.88 -39.62 -16.73
CA LEU A 11 7.35 -38.33 -17.14
C LEU A 11 6.58 -38.40 -18.47
N ASN A 12 7.05 -39.19 -19.44
CA ASN A 12 6.32 -39.30 -20.71
C ASN A 12 4.96 -39.95 -20.50
N GLN A 13 4.91 -40.98 -19.65
CA GLN A 13 3.65 -41.61 -19.25
C GLN A 13 2.70 -40.61 -18.57
N LEU A 14 3.26 -39.76 -17.71
CA LEU A 14 2.42 -38.77 -17.05
C LEU A 14 1.84 -37.79 -18.07
N VAL A 15 2.69 -37.30 -18.99
CA VAL A 15 2.23 -36.33 -19.97
C VAL A 15 1.09 -36.92 -20.81
N SER A 16 1.26 -38.15 -21.29
CA SER A 16 0.20 -38.69 -22.14
C SER A 16 -1.04 -39.02 -21.32
N GLY A 17 -0.88 -39.36 -20.03
CA GLY A 17 -2.05 -39.62 -19.19
C GLY A 17 -2.81 -38.36 -18.87
N LEU A 18 -2.11 -37.26 -18.64
CA LEU A 18 -2.80 -35.98 -18.47
C LEU A 18 -3.56 -35.58 -19.73
N ALA A 19 -2.96 -35.84 -20.90
CA ALA A 19 -3.59 -35.43 -22.16
C ALA A 19 -4.81 -36.28 -22.48
N SER A 20 -4.78 -37.56 -22.10
CA SER A 20 -5.87 -38.49 -22.42
C SER A 20 -6.99 -38.44 -21.39
N GLY A 21 -6.72 -37.95 -20.19
CA GLY A 21 -7.67 -38.05 -19.10
C GLY A 21 -7.45 -39.22 -18.16
N ALA A 22 -6.48 -40.10 -18.44
CA ALA A 22 -6.16 -41.20 -17.53
C ALA A 22 -5.62 -40.69 -16.19
N VAL A 23 -4.99 -39.52 -16.19
CA VAL A 23 -4.61 -38.80 -14.97
C VAL A 23 -5.39 -37.49 -14.96
N ARG A 24 -6.04 -37.21 -13.85
CA ARG A 24 -6.84 -36.01 -13.68
C ARG A 24 -6.20 -35.10 -12.62
N ILE A 25 -6.40 -33.80 -12.74
CA ILE A 25 -5.91 -32.88 -11.71
C ILE A 25 -7.07 -32.23 -11.02
N VAL A 26 -7.11 -32.37 -9.70
CA VAL A 26 -8.14 -31.79 -8.86
C VAL A 26 -7.56 -30.54 -8.22
N ASP A 27 -8.30 -29.44 -8.28
CA ASP A 27 -7.89 -28.18 -7.64
C ASP A 27 -8.40 -28.21 -6.20
N LEU A 28 -7.48 -28.05 -5.22
CA LEU A 28 -7.83 -28.10 -3.80
C LEU A 28 -7.79 -26.71 -3.18
N THR A 29 -7.99 -25.69 -4.00
CA THR A 29 -7.78 -24.32 -3.57
C THR A 29 -9.07 -23.51 -3.59
N HIS A 30 -9.27 -22.71 -2.55
CA HIS A 30 -10.33 -21.70 -2.55
C HIS A 30 -9.88 -20.46 -3.28
N THR A 31 -10.83 -19.82 -3.95
CA THR A 31 -10.51 -18.53 -4.58
C THR A 31 -10.12 -17.49 -3.54
N LEU A 32 -9.04 -16.77 -3.82
CA LEU A 32 -8.64 -15.59 -3.05
C LEU A 32 -9.60 -14.46 -3.35
N ASP A 33 -10.25 -13.97 -2.30
CA ASP A 33 -11.43 -13.11 -2.43
C ASP A 33 -11.53 -12.34 -1.12
N PRO A 34 -11.84 -11.05 -1.15
CA PRO A 34 -11.96 -10.29 0.11
CA PRO A 34 -11.96 -10.29 0.11
CA PRO A 34 -11.95 -10.29 0.11
C PRO A 34 -12.93 -10.91 1.10
N ASP A 35 -13.91 -11.67 0.62
CA ASP A 35 -14.93 -12.18 1.53
CA ASP A 35 -14.95 -12.20 1.49
C ASP A 35 -14.58 -13.54 2.13
N PHE A 36 -13.49 -14.17 1.71
CA PHE A 36 -13.18 -15.49 2.27
C PHE A 36 -12.61 -15.33 3.69
N PRO A 37 -13.10 -16.09 4.68
CA PRO A 37 -12.63 -15.85 6.05
C PRO A 37 -11.17 -16.24 6.23
N VAL A 38 -10.50 -15.50 7.11
CA VAL A 38 -9.14 -15.83 7.52
C VAL A 38 -9.13 -16.11 9.01
N ILE A 39 -8.05 -16.74 9.47
CA ILE A 39 -7.90 -17.05 10.89
C ILE A 39 -8.11 -15.78 11.73
N VAL A 40 -8.83 -15.93 12.85
CA VAL A 40 -9.00 -14.89 13.86
C VAL A 40 -8.42 -15.44 15.16
N LEU A 41 -7.55 -14.65 15.80
CA LEU A 41 -6.88 -14.95 17.06
C LEU A 41 -7.43 -14.06 18.17
N PRO A 42 -7.11 -14.36 19.43
CA PRO A 42 -7.47 -13.41 20.51
C PRO A 42 -7.04 -12.00 20.16
N PRO A 43 -7.84 -11.00 20.54
CA PRO A 43 -7.66 -9.64 19.99
C PRO A 43 -6.39 -8.94 20.44
N GLU A 44 -5.74 -9.38 21.52
CA GLU A 44 -4.49 -8.74 21.88
C GLU A 44 -3.36 -9.03 20.90
N PHE A 45 -3.52 -10.02 20.03
CA PHE A 45 -2.47 -10.39 19.08
C PHE A 45 -2.65 -9.70 17.73
N GLY A 46 -1.55 -9.55 17.01
CA GLY A 46 -1.64 -9.21 15.59
C GLY A 46 -2.47 -10.22 14.84
N GLN A 47 -3.17 -9.72 13.81
CA GLN A 47 -4.15 -10.53 13.09
C GLN A 47 -3.77 -10.69 11.61
N CYS A 48 -4.21 -11.82 11.06
CA CYS A 48 -4.12 -12.12 9.62
C CYS A 48 -5.00 -11.18 8.83
N ALA A 49 -4.52 -10.75 7.66
CA ALA A 49 -5.31 -9.88 6.79
C ALA A 49 -6.12 -10.68 5.78
N ARG A 50 -7.23 -10.07 5.35
CA ARG A 50 -8.01 -10.58 4.23
C ARG A 50 -7.30 -10.23 2.94
N PHE A 51 -7.65 -10.98 1.91
CA PHE A 51 -7.17 -10.67 0.56
C PHE A 51 -7.80 -9.37 0.07
N ARG A 52 -6.99 -8.52 -0.58
CA ARG A 52 -7.44 -7.30 -1.23
C ARG A 52 -6.81 -7.18 -2.61
N MET A 53 -7.55 -6.60 -3.56
CA MET A 53 -7.00 -6.37 -4.90
C MET A 53 -7.54 -5.05 -5.44
N GLU A 54 -6.68 -4.37 -6.20
CA GLU A 54 -7.03 -3.07 -6.78
C GLU A 54 -6.42 -2.96 -8.17
N GLU A 55 -7.16 -2.40 -9.13
CA GLU A 55 -6.65 -2.27 -10.48
C GLU A 55 -5.47 -1.29 -10.55
N ILE A 56 -4.45 -1.68 -11.32
CA ILE A 56 -3.45 -0.73 -11.84
C ILE A 56 -3.96 -0.11 -13.14
N SER A 57 -4.52 -0.94 -14.03
CA SER A 57 -5.18 -0.47 -15.23
C SER A 57 -6.15 -1.55 -15.65
N ALA A 58 -7.09 -1.17 -16.52
CA ALA A 58 -8.09 -2.12 -17.05
C ALA A 58 -8.41 -1.67 -18.47
N TYR A 59 -7.40 -1.78 -19.34
CA TYR A 59 -7.50 -1.35 -20.75
C TYR A 59 -8.00 0.10 -20.81
N ASP A 60 -7.26 0.97 -20.14
CA ASP A 60 -7.73 2.34 -19.93
C ASP A 60 -6.53 3.30 -20.02
N HIS A 61 -6.78 4.58 -19.74
CA HIS A 61 -5.71 5.57 -19.83
C HIS A 61 -4.48 5.21 -19.02
N ARG A 62 -4.61 4.39 -17.97
CA ARG A 62 -3.48 3.96 -17.15
C ARG A 62 -2.69 2.79 -17.75
N GLY A 63 -3.20 2.20 -18.83
CA GLY A 63 -2.62 1.02 -19.44
C GLY A 63 -3.57 0.57 -20.52
N PRO A 64 -3.42 1.12 -21.72
CA PRO A 64 -4.52 1.05 -22.68
C PRO A 64 -4.83 -0.34 -23.23
N ALA A 65 -3.85 -1.26 -23.29
CA ALA A 65 -4.09 -2.57 -23.88
C ALA A 65 -4.02 -3.69 -22.84
N TRP A 66 -4.00 -3.38 -21.54
CA TRP A 66 -3.81 -4.46 -20.57
C TRP A 66 -4.54 -4.18 -19.28
N LYS A 67 -4.78 -5.26 -18.53
CA LYS A 67 -5.48 -5.20 -17.24
C LYS A 67 -4.58 -5.94 -16.24
N TRP A 68 -4.41 -5.35 -15.05
CA TRP A 68 -3.60 -6.00 -14.02
C TRP A 68 -3.86 -5.29 -12.71
N HIS A 69 -3.55 -5.98 -11.60
CA HIS A 69 -3.89 -5.52 -10.26
C HIS A 69 -2.72 -5.56 -9.29
N ASN A 70 -2.84 -4.71 -8.26
CA ASN A 70 -2.07 -4.86 -7.05
C ASN A 70 -2.86 -5.73 -6.10
N ILE A 71 -2.13 -6.50 -5.28
CA ILE A 71 -2.77 -7.46 -4.39
C ILE A 71 -2.08 -7.38 -3.03
N SER A 72 -2.85 -7.60 -1.98
CA SER A 72 -2.22 -7.66 -0.66
C SER A 72 -3.00 -8.65 0.19
N MET A 73 -2.28 -9.23 1.14
CA MET A 73 -2.84 -10.31 1.95
C MET A 73 -1.84 -10.62 3.04
N SER A 74 -1.97 -11.76 3.70
CA SER A 74 -0.92 -12.21 4.59
C SER A 74 -0.35 -13.51 4.08
N GLU A 75 0.81 -13.91 4.61
CA GLU A 75 1.35 -15.23 4.28
C GLU A 75 0.37 -16.34 4.58
N HIS A 76 -0.57 -16.11 5.50
CA HIS A 76 -1.49 -17.16 5.97
C HIS A 76 -2.93 -16.90 5.58
N THR A 77 -3.14 -16.17 4.49
CA THR A 77 -4.47 -15.92 3.94
C THR A 77 -4.91 -17.06 3.02
N GLY A 78 -6.15 -17.51 3.15
CA GLY A 78 -6.67 -18.43 2.13
C GLY A 78 -6.12 -19.85 2.25
N THR A 79 -6.21 -20.59 1.13
CA THR A 79 -5.48 -21.84 1.02
C THR A 79 -3.99 -21.54 1.11
N HIS A 80 -3.32 -22.08 2.14
CA HIS A 80 -1.94 -21.62 2.39
C HIS A 80 -1.10 -22.70 3.05
N PHE A 81 0.21 -22.50 2.91
CA PHE A 81 1.27 -23.42 3.32
C PHE A 81 2.01 -22.80 4.50
N ASP A 82 2.29 -23.59 5.54
CA ASP A 82 3.05 -23.17 6.71
C ASP A 82 4.40 -23.86 6.67
N ALA A 83 5.48 -23.05 6.69
CA ALA A 83 6.85 -23.53 6.82
C ALA A 83 7.26 -23.62 8.29
N PRO A 84 8.32 -24.36 8.60
CA PRO A 84 8.69 -24.54 10.03
C PRO A 84 8.99 -23.25 10.78
N SER A 85 9.58 -22.23 10.14
CA SER A 85 9.86 -20.97 10.82
C SER A 85 8.61 -20.23 11.27
N HIS A 86 7.42 -20.66 10.83
CA HIS A 86 6.20 -20.02 11.32
C HIS A 86 6.04 -20.18 12.83
N TRP A 87 6.47 -21.31 13.41
CA TRP A 87 6.30 -21.53 14.84
C TRP A 87 7.61 -21.33 15.57
N ILE A 88 7.50 -20.87 16.84
CA ILE A 88 8.70 -20.70 17.65
C ILE A 88 9.47 -21.99 17.81
N SER A 89 8.78 -23.15 17.78
CA SER A 89 9.49 -24.42 17.86
C SER A 89 10.30 -24.75 16.63
N GLY A 90 10.12 -24.01 15.53
CA GLY A 90 10.84 -24.20 14.29
C GLY A 90 12.08 -23.35 14.14
N LYS A 91 12.45 -22.60 15.18
CA LYS A 91 13.54 -21.61 15.06
C LYS A 91 14.88 -22.21 14.63
N ASP A 92 15.20 -23.43 15.07
CA ASP A 92 16.51 -24.03 14.86
C ASP A 92 16.48 -25.09 13.77
N VAL A 93 15.39 -25.17 13.00
CA VAL A 93 15.26 -26.09 11.88
C VAL A 93 16.00 -25.54 10.66
N PRO A 94 16.77 -26.35 9.94
CA PRO A 94 17.40 -25.85 8.70
C PRO A 94 16.37 -25.74 7.58
N ASN A 95 16.63 -24.81 6.66
CA ASN A 95 15.73 -24.65 5.50
C ASN A 95 14.30 -24.45 5.95
N GLY A 96 14.11 -23.62 6.97
CA GLY A 96 12.82 -23.50 7.60
C GLY A 96 11.88 -22.47 6.99
N SER A 97 12.31 -21.74 5.97
CA SER A 97 11.46 -20.74 5.34
C SER A 97 11.07 -21.20 3.95
N VAL A 98 9.98 -20.61 3.42
CA VAL A 98 9.38 -21.14 2.17
C VAL A 98 10.32 -20.99 0.99
N ASP A 99 11.28 -20.06 1.06
CA ASP A 99 12.23 -19.91 -0.04
C ASP A 99 13.39 -20.88 0.04
N GLU A 100 13.51 -21.64 1.13
CA GLU A 100 14.62 -22.55 1.37
C GLU A 100 14.23 -24.01 1.37
N ILE A 101 12.93 -24.31 1.47
CA ILE A 101 12.53 -25.72 1.49
C ILE A 101 12.97 -26.39 0.20
N PRO A 102 13.62 -27.56 0.25
CA PRO A 102 14.02 -28.26 -0.97
C PRO A 102 12.80 -28.53 -1.88
N ALA A 103 12.98 -28.31 -3.18
CA ALA A 103 11.84 -28.34 -4.11
C ALA A 103 11.20 -29.72 -4.21
N GLU A 104 11.96 -30.78 -3.94
CA GLU A 104 11.35 -32.11 -3.96
C GLU A 104 10.28 -32.25 -2.92
N ALA A 105 10.26 -31.38 -1.90
CA ALA A 105 9.18 -31.46 -0.93
C ALA A 105 7.83 -31.00 -1.48
N PHE A 106 7.80 -30.35 -2.65
CA PHE A 106 6.59 -29.72 -3.17
C PHE A 106 5.71 -30.65 -3.99
N VAL A 107 6.19 -31.86 -4.35
CA VAL A 107 5.39 -32.84 -5.07
C VAL A 107 5.62 -34.18 -4.37
N GLY A 108 4.55 -34.87 -3.99
CA GLY A 108 4.75 -36.11 -3.26
C GLY A 108 3.47 -36.87 -3.05
N PRO A 109 3.57 -38.06 -2.50
CA PRO A 109 2.38 -38.87 -2.21
C PRO A 109 1.53 -38.26 -1.10
N VAL A 110 0.21 -38.45 -1.20
CA VAL A 110 -0.70 -37.93 -0.19
C VAL A 110 -1.69 -39.03 0.18
N VAL A 111 -2.03 -39.09 1.46
CA VAL A 111 -3.12 -39.96 1.92
C VAL A 111 -4.17 -39.09 2.59
N VAL A 112 -5.41 -39.55 2.53
CA VAL A 112 -6.56 -38.79 3.00
C VAL A 112 -7.29 -39.66 4.00
N ILE A 113 -7.42 -39.17 5.23
CA ILE A 113 -8.18 -39.86 6.27
C ILE A 113 -9.56 -39.20 6.34
N ASP A 114 -10.62 -39.97 6.07
CA ASP A 114 -11.97 -39.37 5.99
C ASP A 114 -12.59 -39.26 7.37
N CYS A 115 -12.62 -38.05 7.91
CA CYS A 115 -13.26 -37.71 9.19
C CYS A 115 -14.52 -36.88 8.99
N SER A 116 -15.14 -36.96 7.80
CA SER A 116 -16.28 -36.10 7.51
CA SER A 116 -16.29 -36.12 7.49
C SER A 116 -17.49 -36.46 8.38
N LYS A 117 -17.72 -37.75 8.64
CA LYS A 117 -18.88 -38.09 9.44
C LYS A 117 -18.69 -37.63 10.88
N GLY A 118 -17.48 -37.69 11.39
CA GLY A 118 -17.26 -37.19 12.75
C GLY A 118 -17.42 -35.68 12.86
N ALA A 119 -16.88 -34.95 11.86
CA ALA A 119 -17.03 -33.50 11.87
C ALA A 119 -18.49 -33.05 11.75
N ALA A 120 -19.34 -33.85 11.10
CA ALA A 120 -20.75 -33.50 10.98
C ALA A 120 -21.46 -33.60 12.33
N GLU A 121 -20.95 -34.42 13.24
CA GLU A 121 -21.59 -34.60 14.55
C GLU A 121 -20.87 -33.87 15.67
N ASN A 122 -19.68 -33.33 15.45
CA ASN A 122 -18.92 -32.70 16.52
C ASN A 122 -18.05 -31.62 15.91
N ASP A 123 -18.40 -30.34 16.11
CA ASP A 123 -17.57 -29.25 15.60
C ASP A 123 -16.14 -29.39 16.09
N ASP A 124 -15.93 -29.98 17.27
CA ASP A 124 -14.60 -30.14 17.86
CA ASP A 124 -14.60 -30.14 17.86
C ASP A 124 -14.07 -31.56 17.70
N PHE A 125 -14.41 -32.22 16.60
CA PHE A 125 -13.95 -33.57 16.35
C PHE A 125 -12.44 -33.70 16.39
N GLU A 126 -11.97 -34.79 17.00
CA GLU A 126 -10.55 -35.07 17.17
C GLU A 126 -10.08 -36.24 16.33
N LEU A 127 -9.05 -36.02 15.51
CA LEU A 127 -8.33 -37.12 14.90
C LEU A 127 -7.36 -37.70 15.93
N THR A 128 -7.46 -39.00 16.19
CA THR A 128 -6.73 -39.66 17.26
C THR A 128 -5.84 -40.79 16.74
N PRO A 129 -4.88 -41.26 17.55
CA PRO A 129 -4.13 -42.46 17.17
C PRO A 129 -5.02 -43.64 16.83
N GLU A 130 -6.11 -43.85 17.58
CA GLU A 130 -7.02 -44.95 17.27
C GLU A 130 -7.62 -44.83 15.87
N ILE A 131 -7.99 -43.62 15.46
CA ILE A 131 -8.57 -43.47 14.13
C ILE A 131 -7.50 -43.74 13.08
N ILE A 132 -6.28 -43.26 13.33
CA ILE A 132 -5.19 -43.54 12.41
C ILE A 132 -4.94 -45.04 12.30
N ALA A 133 -4.98 -45.75 13.44
CA ALA A 133 -4.74 -47.19 13.43
C ALA A 133 -5.83 -47.90 12.64
N GLY A 134 -7.07 -47.43 12.77
CA GLY A 134 -8.15 -48.03 11.98
C GLY A 134 -7.95 -47.81 10.49
N TRP A 135 -7.49 -46.61 10.12
CA TRP A 135 -7.19 -46.32 8.73
C TRP A 135 -6.07 -47.24 8.24
N GLU A 136 -5.03 -47.40 9.04
CA GLU A 136 -3.92 -48.24 8.59
C GLU A 136 -4.31 -49.71 8.50
N SER A 137 -5.25 -50.17 9.32
CA SER A 137 -5.73 -51.55 9.20
C SER A 137 -6.39 -51.78 7.85
N GLU A 138 -7.05 -50.76 7.31
CA GLU A 138 -7.69 -50.84 6.01
C GLU A 138 -6.73 -50.59 4.84
N HIS A 139 -5.81 -49.63 4.99
CA HIS A 139 -5.03 -49.13 3.85
C HIS A 139 -3.54 -49.44 3.92
N GLY A 140 -3.07 -50.10 4.98
CA GLY A 140 -1.65 -50.26 5.22
C GLY A 140 -1.09 -49.00 5.86
N ARG A 141 0.16 -49.10 6.30
CA ARG A 141 0.71 -47.97 7.01
C ARG A 141 0.80 -46.73 6.11
N ILE A 142 0.69 -45.58 6.75
CA ILE A 142 0.94 -44.32 6.04
C ILE A 142 2.36 -44.31 5.50
N PRO A 143 2.56 -44.01 4.21
CA PRO A 143 3.91 -44.06 3.64
C PRO A 143 4.82 -43.01 4.26
N GLU A 144 6.09 -43.34 4.37
CA GLU A 144 7.07 -42.38 4.84
C GLU A 144 7.09 -41.17 3.91
N ASP A 145 7.23 -39.99 4.50
CA ASP A 145 7.33 -38.73 3.78
C ASP A 145 6.10 -38.42 2.94
N ALA A 146 4.93 -38.91 3.37
CA ALA A 146 3.69 -38.56 2.73
C ALA A 146 3.07 -37.32 3.36
N TRP A 147 2.30 -36.58 2.56
CA TRP A 147 1.34 -35.64 3.12
C TRP A 147 0.15 -36.41 3.68
N VAL A 148 -0.35 -35.99 4.84
CA VAL A 148 -1.54 -36.58 5.44
C VAL A 148 -2.59 -35.49 5.50
N LEU A 149 -3.73 -35.72 4.85
CA LEU A 149 -4.84 -34.75 4.89
C LEU A 149 -5.96 -35.31 5.74
N MET A 150 -6.40 -34.50 6.71
CA MET A 150 -7.60 -34.80 7.49
C MET A 150 -8.79 -34.22 6.76
N ARG A 151 -9.53 -35.08 6.08
CA ARG A 151 -10.76 -34.68 5.40
C ARG A 151 -11.89 -34.54 6.42
N THR A 152 -12.57 -33.40 6.39
CA THR A 152 -13.72 -33.19 7.25
C THR A 152 -14.92 -32.65 6.49
N ASP A 153 -14.74 -32.28 5.22
CA ASP A 153 -15.71 -31.53 4.42
C ASP A 153 -16.06 -30.19 5.08
N TRP A 154 -15.17 -29.67 5.93
CA TRP A 154 -15.37 -28.35 6.52
C TRP A 154 -15.37 -27.27 5.45
N SER A 155 -14.75 -27.54 4.29
CA SER A 155 -14.68 -26.56 3.22
C SER A 155 -16.04 -26.32 2.59
N LYS A 156 -17.04 -27.14 2.92
CA LYS A 156 -18.41 -26.88 2.47
C LYS A 156 -19.15 -25.89 3.35
N ARG A 157 -18.58 -25.50 4.49
CA ARG A 157 -19.19 -24.48 5.32
CA ARG A 157 -19.18 -24.47 5.33
C ARG A 157 -18.83 -23.09 4.80
N ARG A 158 -19.82 -22.20 4.81
CA ARG A 158 -19.64 -20.88 4.23
C ARG A 158 -19.93 -19.79 5.26
N GLY A 159 -19.35 -18.62 5.03
CA GLY A 159 -19.61 -17.51 5.94
C GLY A 159 -19.18 -17.84 7.35
N ALA A 160 -19.99 -17.41 8.31
CA ALA A 160 -19.56 -17.48 9.71
C ALA A 160 -19.42 -18.91 10.20
N ASP A 161 -20.11 -19.87 9.60
CA ASP A 161 -20.01 -21.28 9.98
CA ASP A 161 -19.93 -21.20 10.17
C ASP A 161 -18.62 -21.85 9.77
N TYR A 162 -17.82 -21.22 8.91
CA TYR A 162 -16.51 -21.79 8.59
C TYR A 162 -15.50 -21.57 9.73
N LEU A 163 -15.33 -20.32 10.19
CA LEU A 163 -14.53 -20.07 11.39
CA LEU A 163 -14.52 -20.08 11.37
C LEU A 163 -15.19 -20.65 12.62
N ASN A 164 -16.52 -20.52 12.69
CA ASN A 164 -17.35 -21.09 13.74
C ASN A 164 -16.93 -20.56 15.12
N MET A 165 -16.88 -19.24 15.22
CA MET A 165 -16.53 -18.55 16.46
CA MET A 165 -16.52 -18.57 16.45
C MET A 165 -17.67 -18.57 17.46
N ARG A 166 -17.35 -18.90 18.71
CA ARG A 166 -18.24 -18.72 19.86
C ARG A 166 -17.53 -17.84 20.90
N ALA A 167 -18.21 -17.61 22.03
CA ALA A 167 -17.64 -16.75 23.06
C ALA A 167 -16.34 -17.32 23.62
N ASP A 168 -16.13 -18.63 23.53
CA ASP A 168 -14.88 -19.22 24.00
C ASP A 168 -13.92 -19.53 22.83
N GLY A 169 -14.13 -18.91 21.69
CA GLY A 169 -13.20 -19.09 20.58
C GLY A 169 -13.77 -19.98 19.50
N PRO A 170 -12.96 -20.37 18.52
CA PRO A 170 -13.49 -21.13 17.39
C PRO A 170 -13.61 -22.62 17.70
N HIS A 171 -14.62 -23.23 17.07
CA HIS A 171 -14.88 -24.65 17.23
C HIS A 171 -14.75 -25.33 15.87
N SER A 172 -13.65 -26.04 15.66
CA SER A 172 -13.41 -26.72 14.39
C SER A 172 -12.53 -27.94 14.64
N PRO A 173 -12.57 -28.94 13.77
CA PRO A 173 -11.87 -30.21 14.06
C PRO A 173 -10.37 -30.07 13.98
N GLY A 174 -9.68 -31.06 14.58
CA GLY A 174 -8.24 -31.15 14.42
C GLY A 174 -7.65 -32.35 15.13
N PRO A 175 -6.34 -32.47 15.10
CA PRO A 175 -5.65 -33.65 15.63
C PRO A 175 -5.26 -33.49 17.08
N THR A 176 -5.17 -34.63 17.78
CA THR A 176 -4.66 -34.55 19.14
C THR A 176 -3.13 -34.52 19.12
N PRO A 177 -2.50 -34.10 20.21
CA PRO A 177 -1.03 -34.17 20.29
C PRO A 177 -0.49 -35.56 20.01
N GLU A 178 -1.16 -36.59 20.53
CA GLU A 178 -0.68 -37.96 20.33
C GLU A 178 -0.82 -38.39 18.89
N ALA A 179 -1.88 -37.94 18.21
CA ALA A 179 -2.01 -38.26 16.80
C ALA A 179 -0.86 -37.66 16.00
N ILE A 180 -0.54 -36.38 16.25
CA ILE A 180 0.53 -35.73 15.51
C ILE A 180 1.86 -36.36 15.83
N ARG A 181 2.11 -36.67 17.10
CA ARG A 181 3.37 -37.31 17.49
C ARG A 181 3.52 -38.66 16.82
N PHE A 182 2.44 -39.44 16.74
CA PHE A 182 2.49 -40.70 16.02
C PHE A 182 2.90 -40.48 14.57
N LEU A 183 2.22 -39.53 13.90
CA LEU A 183 2.51 -39.32 12.48
C LEU A 183 3.96 -38.88 12.25
N ILE A 184 4.49 -38.00 13.12
CA ILE A 184 5.87 -37.54 12.99
C ILE A 184 6.85 -38.66 13.33
N GLU A 185 6.70 -39.26 14.52
CA GLU A 185 7.73 -40.14 15.05
C GLU A 185 7.64 -41.56 14.51
N GLU A 186 6.44 -42.06 14.22
CA GLU A 186 6.33 -43.43 13.76
C GLU A 186 6.16 -43.55 12.25
N ARG A 187 5.72 -42.47 11.57
CA ARG A 187 5.50 -42.53 10.14
C ARG A 187 6.33 -41.53 9.35
N ASN A 188 7.05 -40.63 10.01
CA ASN A 188 7.88 -39.63 9.35
C ASN A 188 7.16 -38.93 8.20
N ILE A 189 5.98 -38.42 8.51
CA ILE A 189 5.22 -37.72 7.48
C ILE A 189 5.94 -36.44 7.04
N ARG A 190 5.56 -35.98 5.83
CA ARG A 190 6.08 -34.72 5.28
C ARG A 190 5.35 -33.53 5.86
N GLY A 191 4.04 -33.69 6.06
CA GLY A 191 3.23 -32.57 6.49
C GLY A 191 1.80 -33.00 6.67
N PHE A 192 1.01 -32.08 7.20
CA PHE A 192 -0.38 -32.35 7.58
C PHE A 192 -1.26 -31.24 7.03
N GLY A 193 -2.41 -31.59 6.46
CA GLY A 193 -3.29 -30.58 5.86
C GLY A 193 -4.72 -30.75 6.31
N THR A 194 -5.44 -29.62 6.36
CA THR A 194 -6.84 -29.60 6.81
C THR A 194 -7.68 -28.69 5.91
N GLU A 195 -9.00 -28.77 6.12
CA GLU A 195 -9.97 -27.93 5.45
C GLU A 195 -10.45 -26.81 6.34
N THR A 196 -9.75 -26.49 7.37
CA THR A 196 -10.10 -25.42 8.29
C THR A 196 -8.99 -24.38 8.25
N VAL A 197 -9.16 -23.27 8.99
CA VAL A 197 -8.12 -22.25 9.00
C VAL A 197 -6.87 -22.66 9.75
N GLY A 198 -6.85 -23.79 10.44
CA GLY A 198 -5.66 -24.18 11.16
C GLY A 198 -5.40 -25.67 11.05
N THR A 199 -4.13 -26.02 11.13
CA THR A 199 -3.78 -27.43 11.27
C THR A 199 -4.10 -27.95 12.66
N ASP A 200 -4.37 -27.06 13.61
CA ASP A 200 -4.85 -27.43 14.92
C ASP A 200 -6.36 -27.29 14.98
N ALA A 201 -6.95 -28.02 15.93
CA ALA A 201 -8.36 -27.79 16.27
C ALA A 201 -8.57 -26.36 16.73
N GLY A 202 -9.80 -25.84 16.50
CA GLY A 202 -10.13 -24.50 16.94
C GLY A 202 -9.88 -24.27 18.42
N GLN A 203 -10.14 -25.27 19.24
CA GLN A 203 -9.90 -25.22 20.69
C GLN A 203 -8.54 -25.78 21.06
N GLY A 204 -7.61 -25.86 20.10
CA GLY A 204 -6.32 -26.46 20.32
C GLY A 204 -5.33 -25.70 21.19
N ALA A 205 -5.65 -24.45 21.58
CA ALA A 205 -4.82 -23.80 22.60
C ALA A 205 -4.81 -24.58 23.91
N HIS A 206 -5.83 -25.40 24.15
CA HIS A 206 -5.96 -26.06 25.44
C HIS A 206 -5.27 -27.41 25.51
N TYR A 207 -4.79 -27.94 24.39
CA TYR A 207 -3.95 -29.14 24.46
C TYR A 207 -2.62 -28.85 25.14
N VAL A 208 -1.91 -29.93 25.49
CA VAL A 208 -0.54 -29.85 25.97
C VAL A 208 0.33 -30.60 24.96
N PRO A 209 1.26 -29.93 24.26
CA PRO A 209 1.50 -28.49 24.24
C PRO A 209 0.38 -27.76 23.52
N PRO A 210 0.23 -26.45 23.73
CA PRO A 210 -0.79 -25.68 23.02
C PRO A 210 -0.52 -25.70 21.53
N TYR A 211 -1.58 -25.77 20.74
CA TYR A 211 -1.48 -25.79 19.29
C TYR A 211 -0.49 -26.88 18.84
N PRO A 212 -0.78 -28.13 19.21
CA PRO A 212 0.24 -29.18 19.09
C PRO A 212 0.60 -29.51 17.65
N ALA A 213 -0.33 -29.39 16.72
CA ALA A 213 0.05 -29.62 15.34
C ALA A 213 1.12 -28.61 14.91
N HIS A 214 0.89 -27.34 15.19
CA HIS A 214 1.91 -26.35 14.85
C HIS A 214 3.20 -26.61 15.61
N TYR A 215 3.08 -26.78 16.92
CA TYR A 215 4.27 -26.90 17.74
C TYR A 215 5.08 -28.12 17.33
N LEU A 216 4.42 -29.27 17.19
CA LEU A 216 5.17 -30.50 16.91
C LEU A 216 5.57 -30.60 15.43
N LEU A 217 4.67 -30.27 14.50
CA LEU A 217 5.07 -30.37 13.10
C LEU A 217 6.26 -29.46 12.82
N HIS A 218 6.14 -28.20 13.20
CA HIS A 218 7.19 -27.27 12.80
C HIS A 218 8.46 -27.51 13.60
N GLY A 219 8.35 -28.02 14.83
CA GLY A 219 9.54 -28.38 15.61
C GLY A 219 10.29 -29.55 15.01
N ALA A 220 9.62 -30.36 14.20
CA ALA A 220 10.24 -31.47 13.50
C ALA A 220 10.58 -31.13 12.05
N GLY A 221 10.45 -29.87 11.64
CA GLY A 221 10.81 -29.52 10.28
C GLY A 221 9.77 -29.93 9.26
N LYS A 222 8.55 -30.16 9.70
CA LYS A 222 7.44 -30.56 8.83
C LYS A 222 6.55 -29.37 8.49
N TYR A 223 5.65 -29.60 7.54
CA TYR A 223 4.88 -28.53 6.90
C TYR A 223 3.39 -28.69 7.18
N GLY A 224 2.66 -27.58 7.02
CA GLY A 224 1.23 -27.61 7.18
C GLY A 224 0.53 -27.02 5.97
N LEU A 225 -0.70 -27.49 5.74
CA LEU A 225 -1.58 -26.89 4.76
C LEU A 225 -2.91 -26.61 5.42
N GLN A 226 -3.53 -25.47 5.05
CA GLN A 226 -4.79 -25.06 5.65
CA GLN A 226 -4.79 -25.07 5.65
C GLN A 226 -5.72 -24.54 4.58
N CYS A 227 -7.02 -24.58 4.90
CA CYS A 227 -8.07 -24.07 4.01
C CYS A 227 -8.07 -24.83 2.67
N LEU A 228 -7.82 -26.14 2.72
CA LEU A 228 -7.95 -26.94 1.51
C LEU A 228 -9.42 -27.16 1.17
N ALA A 229 -9.70 -27.28 -0.12
CA ALA A 229 -11.03 -27.55 -0.62
C ALA A 229 -11.03 -28.85 -1.40
N ASN A 230 -12.25 -29.40 -1.59
CA ASN A 230 -12.50 -30.49 -2.54
C ASN A 230 -11.79 -31.79 -2.13
N LEU A 231 -11.53 -32.01 -0.83
CA LEU A 231 -10.85 -33.25 -0.44
C LEU A 231 -11.72 -34.48 -0.65
N ASP A 232 -13.05 -34.29 -0.74
CA ASP A 232 -13.92 -35.42 -1.05
C ASP A 232 -13.76 -35.92 -2.46
N GLN A 233 -13.00 -35.23 -3.34
CA GLN A 233 -12.68 -35.75 -4.67
C GLN A 233 -11.53 -36.73 -4.66
N LEU A 234 -10.85 -36.90 -3.52
CA LEU A 234 -9.58 -37.62 -3.54
C LEU A 234 -9.73 -39.04 -3.02
N PRO A 235 -8.97 -39.97 -3.56
CA PRO A 235 -8.90 -41.32 -2.94
C PRO A 235 -8.11 -41.31 -1.66
N ALA A 236 -8.37 -42.33 -0.83
CA ALA A 236 -7.59 -42.46 0.41
C ALA A 236 -6.10 -42.59 0.15
N THR A 237 -5.72 -43.31 -0.90
CA THR A 237 -4.32 -43.50 -1.24
C THR A 237 -4.16 -43.40 -2.76
N GLY A 238 -2.94 -43.07 -3.19
CA GLY A 238 -2.56 -43.13 -4.60
C GLY A 238 -2.48 -41.80 -5.31
N ALA A 239 -3.01 -40.72 -4.73
CA ALA A 239 -2.92 -39.42 -5.35
C ALA A 239 -1.56 -38.79 -5.05
N VAL A 240 -1.24 -37.78 -5.84
CA VAL A 240 0.01 -37.05 -5.72
C VAL A 240 -0.34 -35.58 -5.51
N LEU A 241 0.20 -35.01 -4.45
CA LEU A 241 -0.09 -33.63 -4.09
C LEU A 241 0.99 -32.73 -4.66
N ILE A 242 0.57 -31.61 -5.21
CA ILE A 242 1.43 -30.51 -5.66
C ILE A 242 1.12 -29.33 -4.75
N ALA A 243 2.10 -28.95 -3.96
CA ALA A 243 1.92 -27.87 -2.98
C ALA A 243 3.23 -27.09 -2.92
N ALA A 244 3.38 -26.16 -3.87
CA ALA A 244 4.60 -25.36 -3.98
C ALA A 244 4.32 -23.93 -3.57
N PRO A 245 4.83 -23.52 -2.41
CA PRO A 245 4.57 -22.19 -1.89
C PRO A 245 5.37 -21.14 -2.65
N LEU A 246 4.87 -19.91 -2.58
CA LEU A 246 5.60 -18.80 -3.17
C LEU A 246 6.98 -18.69 -2.56
N LYS A 247 7.93 -18.18 -3.35
CA LYS A 247 9.32 -18.13 -2.90
C LYS A 247 9.64 -16.81 -2.16
N ILE A 248 8.91 -16.61 -1.06
CA ILE A 248 9.03 -15.38 -0.28
C ILE A 248 10.35 -15.38 0.50
N LYS A 249 11.11 -14.29 0.38
CA LYS A 249 12.36 -14.17 1.13
C LYS A 249 12.15 -14.34 2.63
N ASN A 250 12.79 -15.37 3.19
CA ASN A 250 12.63 -15.70 4.60
C ASN A 250 11.17 -15.85 5.01
N GLY A 251 10.31 -16.30 4.10
CA GLY A 251 8.91 -16.37 4.40
C GLY A 251 8.54 -17.52 5.32
N THR A 252 7.49 -17.30 6.11
CA THR A 252 7.00 -18.32 7.03
C THR A 252 5.91 -19.17 6.45
N GLY A 253 5.41 -18.83 5.26
CA GLY A 253 4.26 -19.47 4.68
C GLY A 253 3.89 -18.70 3.44
N SER A 254 2.92 -19.24 2.71
CA SER A 254 2.33 -18.44 1.64
C SER A 254 0.97 -18.99 1.22
N PRO A 255 0.11 -18.15 0.67
CA PRO A 255 -0.98 -18.66 -0.16
C PRO A 255 -0.39 -19.43 -1.34
N LEU A 256 -1.12 -20.43 -1.79
CA LEU A 256 -0.62 -21.19 -2.93
C LEU A 256 -1.76 -21.94 -3.59
N ARG A 257 -1.49 -22.41 -4.80
CA ARG A 257 -2.45 -23.24 -5.52
C ARG A 257 -2.12 -24.69 -5.23
N VAL A 258 -2.96 -25.36 -4.44
CA VAL A 258 -2.74 -26.77 -4.11
C VAL A 258 -3.53 -27.63 -5.09
N LEU A 259 -2.87 -28.65 -5.66
CA LEU A 259 -3.48 -29.54 -6.63
C LEU A 259 -3.21 -30.97 -6.25
N ALA A 260 -4.05 -31.89 -6.75
CA ALA A 260 -3.74 -33.29 -6.60
C ALA A 260 -3.93 -33.97 -7.93
N MET A 261 -2.95 -34.80 -8.31
CA MET A 261 -3.08 -35.64 -9.49
C MET A 261 -3.62 -37.01 -9.05
N VAL A 262 -4.66 -37.47 -9.76
CA VAL A 262 -5.39 -38.69 -9.41
C VAL A 262 -5.50 -39.59 -10.63
N THR A 263 -5.26 -40.88 -10.44
CA THR A 263 -5.31 -41.85 -11.53
C THR A 263 -6.73 -42.35 -11.68
N SER B 9 1.49 -47.68 -12.18
CA SER B 9 0.91 -46.46 -12.72
C SER B 9 1.96 -45.36 -12.86
N SER B 10 1.69 -44.38 -13.72
CA SER B 10 2.63 -43.29 -13.88
C SER B 10 2.84 -42.53 -12.58
N LEU B 11 1.76 -42.39 -11.78
CA LEU B 11 1.89 -41.68 -10.50
C LEU B 11 2.72 -42.46 -9.48
N ASN B 12 2.51 -43.78 -9.35
CA ASN B 12 3.36 -44.54 -8.42
C ASN B 12 4.83 -44.46 -8.82
N GLN B 13 5.11 -44.56 -10.12
CA GLN B 13 6.48 -44.43 -10.60
C GLN B 13 7.03 -43.02 -10.36
N LEU B 14 6.18 -42.00 -10.56
CA LEU B 14 6.60 -40.63 -10.29
C LEU B 14 6.99 -40.45 -8.82
N VAL B 15 6.16 -40.96 -7.90
CA VAL B 15 6.46 -40.86 -6.47
C VAL B 15 7.82 -41.52 -6.16
N SER B 16 8.03 -42.72 -6.70
CA SER B 16 9.29 -43.44 -6.45
C SER B 16 10.48 -42.67 -6.99
N GLY B 17 10.37 -42.15 -8.23
CA GLY B 17 11.47 -41.40 -8.79
C GLY B 17 11.75 -40.10 -8.06
N LEU B 18 10.70 -39.38 -7.63
CA LEU B 18 10.91 -38.18 -6.83
C LEU B 18 11.57 -38.53 -5.51
N ALA B 19 11.19 -39.67 -4.92
CA ALA B 19 11.76 -39.99 -3.63
C ALA B 19 13.23 -40.39 -3.74
N SER B 20 13.62 -41.03 -4.85
CA SER B 20 15.00 -41.48 -4.99
C SER B 20 15.91 -40.43 -5.62
N GLY B 21 15.34 -39.47 -6.31
CA GLY B 21 16.12 -38.56 -7.12
C GLY B 21 16.26 -38.95 -8.58
N ALA B 22 15.68 -40.06 -8.99
CA ALA B 22 15.64 -40.40 -10.42
C ALA B 22 14.86 -39.36 -11.22
N VAL B 23 13.92 -38.69 -10.55
CA VAL B 23 13.23 -37.50 -11.09
C VAL B 23 13.60 -36.36 -10.16
N ARG B 24 14.18 -35.32 -10.72
CA ARG B 24 14.61 -34.17 -9.95
C ARG B 24 13.65 -33.01 -10.19
N ILE B 25 13.41 -32.21 -9.17
CA ILE B 25 12.64 -30.97 -9.35
C ILE B 25 13.61 -29.81 -9.39
N VAL B 26 13.54 -29.05 -10.49
CA VAL B 26 14.32 -27.84 -10.65
C VAL B 26 13.40 -26.67 -10.36
N ASP B 27 13.80 -25.81 -9.44
CA ASP B 27 13.05 -24.58 -9.16
C ASP B 27 13.39 -23.50 -10.19
N LEU B 28 12.38 -23.04 -10.92
CA LEU B 28 12.59 -22.00 -11.93
C LEU B 28 12.18 -20.63 -11.44
N THR B 29 12.15 -20.43 -10.13
CA THR B 29 11.57 -19.23 -9.52
C THR B 29 12.65 -18.34 -8.90
N HIS B 30 12.54 -17.04 -9.12
CA HIS B 30 13.36 -16.10 -8.32
C HIS B 30 12.69 -15.83 -6.97
N THR B 31 13.50 -15.43 -5.99
CA THR B 31 12.94 -15.04 -4.71
C THR B 31 12.08 -13.79 -4.81
N LEU B 32 10.92 -13.82 -4.18
CA LEU B 32 10.13 -12.60 -4.01
C LEU B 32 10.80 -11.75 -2.93
N ASP B 33 11.23 -10.56 -3.33
CA ASP B 33 12.12 -9.78 -2.48
C ASP B 33 11.86 -8.34 -2.88
N PRO B 34 11.90 -7.38 -1.95
CA PRO B 34 11.61 -5.98 -2.33
C PRO B 34 12.54 -5.40 -3.37
N ASP B 35 13.75 -5.94 -3.53
CA ASP B 35 14.73 -5.37 -4.42
C ASP B 35 14.86 -6.13 -5.72
N PHE B 36 14.00 -7.13 -5.95
CA PHE B 36 14.04 -7.79 -7.24
C PHE B 36 13.34 -6.92 -8.29
N PRO B 37 13.94 -6.70 -9.45
CA PRO B 37 13.33 -5.75 -10.40
C PRO B 37 12.01 -6.24 -10.95
N VAL B 38 11.13 -5.30 -11.25
CA VAL B 38 9.88 -5.62 -11.91
C VAL B 38 9.79 -4.81 -13.20
N ILE B 39 8.85 -5.21 -14.07
CA ILE B 39 8.68 -4.51 -15.33
C ILE B 39 8.45 -3.02 -15.10
N VAL B 40 9.04 -2.21 -15.98
CA VAL B 40 8.82 -0.76 -15.97
C VAL B 40 8.29 -0.37 -17.35
N LEU B 41 7.24 0.41 -17.37
CA LEU B 41 6.54 0.83 -18.56
C LEU B 41 6.72 2.31 -18.74
N PRO B 42 6.30 2.86 -19.87
CA PRO B 42 6.40 4.32 -20.02
C PRO B 42 5.72 5.05 -18.89
N PRO B 43 6.24 6.22 -18.52
CA PRO B 43 5.88 6.83 -17.24
C PRO B 43 4.46 7.32 -17.16
N GLU B 44 3.75 7.46 -18.29
CA GLU B 44 2.35 7.86 -18.21
C GLU B 44 1.44 6.76 -17.71
N PHE B 45 1.92 5.52 -17.65
CA PHE B 45 1.08 4.40 -17.29
C PHE B 45 1.25 4.01 -15.81
N GLY B 46 0.23 3.31 -15.29
CA GLY B 46 0.40 2.68 -13.98
C GLY B 46 1.49 1.61 -14.04
N GLN B 47 2.16 1.40 -12.91
CA GLN B 47 3.35 0.55 -12.91
C GLN B 47 3.16 -0.64 -11.98
N CYS B 48 3.85 -1.74 -12.35
CA CYS B 48 3.93 -2.91 -11.49
C CYS B 48 4.64 -2.57 -10.18
N ALA B 49 4.16 -3.15 -9.09
CA ALA B 49 4.74 -2.93 -7.77
C ALA B 49 5.85 -3.94 -7.48
N ARG B 50 6.80 -3.51 -6.65
CA ARG B 50 7.74 -4.46 -6.04
C ARG B 50 7.05 -5.27 -4.95
N PHE B 51 7.67 -6.40 -4.62
CA PHE B 51 7.21 -7.18 -3.47
C PHE B 51 7.53 -6.44 -2.17
N ARG B 52 6.63 -6.57 -1.19
CA ARG B 52 6.84 -5.95 0.12
C ARG B 52 6.32 -6.87 1.19
N MET B 53 7.00 -6.89 2.34
CA MET B 53 6.52 -7.70 3.44
C MET B 53 6.76 -6.96 4.75
N GLU B 54 5.88 -7.17 5.71
CA GLU B 54 5.97 -6.56 7.04
C GLU B 54 5.59 -7.59 8.09
N GLU B 55 6.27 -7.59 9.22
CA GLU B 55 5.95 -8.53 10.29
C GLU B 55 4.62 -8.20 10.95
N ILE B 56 3.80 -9.23 11.16
CA ILE B 56 2.68 -9.17 12.10
C ILE B 56 3.15 -9.48 13.52
N SER B 57 3.96 -10.54 13.67
CA SER B 57 4.61 -10.88 14.93
C SER B 57 5.88 -11.67 14.61
N ALA B 58 6.79 -11.74 15.60
CA ALA B 58 7.98 -12.55 15.43
C ALA B 58 8.34 -13.15 16.79
N TYR B 59 7.48 -14.05 17.29
CA TYR B 59 7.69 -14.72 18.59
C TYR B 59 7.85 -13.68 19.69
N ASP B 60 6.93 -12.73 19.72
CA ASP B 60 7.03 -11.56 20.62
C ASP B 60 5.64 -11.27 21.15
N HIS B 61 5.47 -10.12 21.80
CA HIS B 61 4.18 -9.84 22.45
C HIS B 61 3.02 -9.78 21.46
N ARG B 62 3.29 -9.53 20.17
CA ARG B 62 2.23 -9.49 19.18
C ARG B 62 1.79 -10.88 18.71
N GLY B 63 2.50 -11.92 19.12
CA GLY B 63 2.20 -13.29 18.72
C GLY B 63 3.30 -14.16 19.28
N PRO B 64 3.09 -14.61 20.53
CA PRO B 64 4.23 -15.10 21.33
C PRO B 64 4.88 -16.36 20.78
N ALA B 65 4.13 -17.25 20.11
CA ALA B 65 4.72 -18.50 19.65
C ALA B 65 4.86 -18.59 18.13
N TRP B 66 4.70 -17.48 17.41
CA TRP B 66 4.67 -17.60 15.94
C TRP B 66 5.21 -16.33 15.29
N LYS B 67 5.61 -16.47 14.03
CA LYS B 67 6.11 -15.39 13.20
C LYS B 67 5.36 -15.46 11.90
N TRP B 68 4.92 -14.30 11.40
CA TRP B 68 4.21 -14.26 10.12
C TRP B 68 4.15 -12.82 9.65
N HIS B 69 3.81 -12.65 8.37
CA HIS B 69 3.94 -11.35 7.72
C HIS B 69 2.73 -11.03 6.88
N ASN B 70 2.48 -9.72 6.75
CA ASN B 70 1.66 -9.19 5.68
C ASN B 70 2.53 -9.01 4.44
N ILE B 71 1.91 -9.25 3.26
CA ILE B 71 2.64 -9.17 1.99
C ILE B 71 1.83 -8.38 0.97
N SER B 72 2.54 -7.69 0.08
CA SER B 72 1.85 -7.06 -1.04
C SER B 72 2.74 -7.10 -2.26
N MET B 73 2.11 -6.97 -3.42
CA MET B 73 2.82 -7.11 -4.70
C MET B 73 1.82 -6.77 -5.80
N SER B 74 2.20 -7.03 -7.04
CA SER B 74 1.24 -7.04 -8.11
C SER B 74 1.08 -8.46 -8.64
N GLU B 75 0.04 -8.65 -9.44
CA GLU B 75 -0.11 -9.93 -10.13
C GLU B 75 1.09 -10.26 -10.98
N HIS B 76 1.86 -9.24 -11.40
CA HIS B 76 2.96 -9.42 -12.36
C HIS B 76 4.31 -9.14 -11.74
N THR B 77 4.42 -9.22 -10.42
CA THR B 77 5.69 -9.16 -9.71
C THR B 77 6.47 -10.47 -9.77
N GLY B 78 7.79 -10.39 -10.06
CA GLY B 78 8.59 -11.58 -9.87
C GLY B 78 8.37 -12.63 -10.95
N THR B 79 8.74 -13.87 -10.62
CA THR B 79 8.39 -14.99 -11.49
C THR B 79 6.88 -15.12 -11.50
N HIS B 80 6.25 -14.96 -12.67
CA HIS B 80 4.80 -14.90 -12.64
C HIS B 80 4.18 -15.38 -13.94
N PHE B 81 2.88 -15.66 -13.84
CA PHE B 81 2.05 -16.24 -14.88
C PHE B 81 1.09 -15.19 -15.42
N ASP B 82 0.95 -15.13 -16.75
CA ASP B 82 -0.03 -14.24 -17.43
C ASP B 82 -1.19 -15.06 -17.97
N ALA B 83 -2.44 -14.69 -17.55
CA ALA B 83 -3.65 -15.29 -18.10
C ALA B 83 -4.19 -14.47 -19.28
N PRO B 84 -5.07 -15.05 -20.11
CA PRO B 84 -5.53 -14.32 -21.30
C PRO B 84 -6.20 -12.99 -21.00
N SER B 85 -6.90 -12.86 -19.88
CA SER B 85 -7.57 -11.59 -19.59
C SER B 85 -6.62 -10.43 -19.32
N HIS B 86 -5.33 -10.72 -19.14
CA HIS B 86 -4.34 -9.65 -18.98
C HIS B 86 -4.30 -8.72 -20.19
N TRP B 87 -4.54 -9.23 -21.40
CA TRP B 87 -4.50 -8.37 -22.57
C TRP B 87 -5.89 -8.05 -23.10
N ILE B 88 -5.99 -6.86 -23.74
CA ILE B 88 -7.26 -6.41 -24.31
C ILE B 88 -7.77 -7.41 -25.34
N SER B 89 -6.87 -8.11 -26.05
CA SER B 89 -7.28 -9.10 -27.02
C SER B 89 -7.79 -10.40 -26.38
N GLY B 90 -7.56 -10.62 -25.09
CA GLY B 90 -8.01 -11.80 -24.39
C GLY B 90 -9.23 -11.58 -23.50
N LYS B 91 -9.87 -10.40 -23.61
CA LYS B 91 -10.86 -10.00 -22.62
C LYS B 91 -12.17 -10.77 -22.75
N ASP B 92 -12.36 -11.52 -23.83
CA ASP B 92 -13.52 -12.38 -24.03
C ASP B 92 -13.19 -13.88 -24.08
N VAL B 93 -11.97 -14.28 -23.78
CA VAL B 93 -11.60 -15.70 -23.79
C VAL B 93 -12.26 -16.41 -22.62
N PRO B 94 -12.94 -17.56 -22.82
CA PRO B 94 -13.52 -18.28 -21.67
C PRO B 94 -12.40 -18.90 -20.83
N ASN B 95 -12.67 -19.04 -19.53
CA ASN B 95 -11.63 -19.52 -18.60
C ASN B 95 -10.39 -18.65 -18.70
N GLY B 96 -10.58 -17.35 -18.85
CA GLY B 96 -9.48 -16.43 -19.12
C GLY B 96 -8.80 -15.79 -17.95
N SER B 97 -9.28 -16.01 -16.73
CA SER B 97 -8.65 -15.50 -15.52
C SER B 97 -7.99 -16.64 -14.76
N VAL B 98 -6.99 -16.32 -13.90
CA VAL B 98 -6.20 -17.38 -13.23
C VAL B 98 -7.05 -18.26 -12.36
N ASP B 99 -8.18 -17.75 -11.87
CA ASP B 99 -9.05 -18.55 -11.02
C ASP B 99 -9.97 -19.47 -11.82
N GLU B 100 -9.96 -19.38 -13.14
CA GLU B 100 -10.83 -20.20 -14.00
C GLU B 100 -10.08 -21.11 -14.96
N ILE B 101 -8.79 -20.91 -15.14
CA ILE B 101 -8.02 -21.80 -16.03
C ILE B 101 -8.17 -23.24 -15.54
N PRO B 102 -8.46 -24.21 -16.41
CA PRO B 102 -8.58 -25.59 -15.95
C PRO B 102 -7.28 -26.12 -15.35
N ALA B 103 -7.42 -26.92 -14.28
CA ALA B 103 -6.23 -27.32 -13.54
C ALA B 103 -5.31 -28.21 -14.37
N GLU B 104 -5.83 -28.96 -15.35
CA GLU B 104 -4.94 -29.75 -16.20
C GLU B 104 -3.97 -28.87 -16.98
N ALA B 105 -4.27 -27.58 -17.16
CA ALA B 105 -3.30 -26.69 -17.81
C ALA B 105 -2.10 -26.36 -16.94
N PHE B 106 -2.09 -26.71 -15.66
CA PHE B 106 -1.01 -26.32 -14.76
C PHE B 106 0.13 -27.33 -14.72
N VAL B 107 -0.01 -28.49 -15.37
CA VAL B 107 1.07 -29.48 -15.45
C VAL B 107 1.11 -29.98 -16.88
N GLY B 108 2.28 -29.92 -17.52
CA GLY B 108 2.36 -30.38 -18.89
C GLY B 108 3.76 -30.41 -19.46
N PRO B 109 3.91 -30.92 -20.68
CA PRO B 109 5.22 -30.96 -21.31
C PRO B 109 5.76 -29.57 -21.64
N VAL B 110 7.08 -29.46 -21.58
CA VAL B 110 7.77 -28.21 -21.87
C VAL B 110 8.95 -28.53 -22.79
N VAL B 111 9.21 -27.60 -23.69
CA VAL B 111 10.41 -27.62 -24.53
C VAL B 111 11.16 -26.32 -24.30
N VAL B 112 12.48 -26.40 -24.38
CA VAL B 112 13.36 -25.26 -24.09
C VAL B 112 14.23 -24.99 -25.30
N ILE B 113 14.11 -23.79 -25.85
CA ILE B 113 14.90 -23.35 -27.02
C ILE B 113 16.05 -22.53 -26.48
N ASP B 114 17.29 -22.98 -26.73
CA ASP B 114 18.48 -22.31 -26.17
C ASP B 114 18.93 -21.17 -27.07
N CYS B 115 18.56 -19.96 -26.69
CA CYS B 115 18.99 -18.75 -27.39
C CYS B 115 20.06 -18.00 -26.60
N SER B 116 20.77 -18.70 -25.68
CA SER B 116 21.70 -17.98 -24.81
C SER B 116 22.86 -17.38 -25.59
N LYS B 117 23.40 -18.08 -26.61
CA LYS B 117 24.49 -17.49 -27.37
C LYS B 117 24.05 -16.21 -28.09
N GLY B 118 22.89 -16.26 -28.71
CA GLY B 118 22.40 -15.08 -29.42
C GLY B 118 22.14 -13.93 -28.47
N ALA B 119 21.61 -14.22 -27.28
CA ALA B 119 21.32 -13.14 -26.33
C ALA B 119 22.59 -12.51 -25.77
N ALA B 120 23.67 -13.29 -25.66
CA ALA B 120 24.94 -12.78 -25.19
C ALA B 120 25.59 -11.82 -26.20
N GLU B 121 25.22 -11.91 -27.47
CA GLU B 121 25.77 -11.10 -28.54
C GLU B 121 24.85 -9.98 -28.96
N ASN B 122 23.60 -9.99 -28.52
CA ASN B 122 22.66 -8.96 -28.95
C ASN B 122 21.57 -8.84 -27.90
N ASP B 123 21.55 -7.73 -27.17
CA ASP B 123 20.50 -7.52 -26.16
C ASP B 123 19.10 -7.66 -26.74
N ASP B 124 18.92 -7.35 -28.02
CA ASP B 124 17.59 -7.37 -28.64
C ASP B 124 17.39 -8.63 -29.48
N PHE B 125 18.11 -9.71 -29.16
CA PHE B 125 18.05 -10.95 -29.91
C PHE B 125 16.61 -11.41 -30.14
N GLU B 126 16.31 -11.80 -31.35
CA GLU B 126 14.97 -12.21 -31.76
C GLU B 126 14.86 -13.72 -31.94
N LEU B 127 13.86 -14.31 -31.31
CA LEU B 127 13.42 -15.66 -31.64
C LEU B 127 12.54 -15.58 -32.88
N THR B 128 12.94 -16.26 -33.94
CA THR B 128 12.30 -16.20 -35.24
C THR B 128 11.77 -17.56 -35.66
N PRO B 129 10.91 -17.60 -36.67
CA PRO B 129 10.50 -18.90 -37.26
C PRO B 129 11.69 -19.73 -37.71
N GLU B 130 12.72 -19.10 -38.27
CA GLU B 130 13.88 -19.85 -38.72
CA GLU B 130 13.90 -19.83 -38.71
C GLU B 130 14.60 -20.53 -37.55
N ILE B 131 14.68 -19.85 -36.40
CA ILE B 131 15.33 -20.48 -35.24
C ILE B 131 14.47 -21.62 -34.71
N ILE B 132 13.15 -21.44 -34.69
CA ILE B 132 12.29 -22.55 -34.25
C ILE B 132 12.46 -23.76 -35.18
N ALA B 133 12.53 -23.51 -36.50
CA ALA B 133 12.74 -24.60 -37.45
C ALA B 133 14.06 -25.30 -37.20
N GLY B 134 15.11 -24.54 -36.90
CA GLY B 134 16.38 -25.13 -36.56
C GLY B 134 16.29 -26.03 -35.35
N TRP B 135 15.57 -25.57 -34.33
CA TRP B 135 15.39 -26.37 -33.13
C TRP B 135 14.63 -27.64 -33.43
N GLU B 136 13.56 -27.55 -34.22
CA GLU B 136 12.80 -28.75 -34.55
C GLU B 136 13.59 -29.71 -35.42
N SER B 137 14.53 -29.20 -36.23
CA SER B 137 15.35 -30.13 -37.02
C SER B 137 16.23 -31.02 -36.14
N GLU B 138 16.58 -30.57 -34.94
CA GLU B 138 17.37 -31.33 -33.98
C GLU B 138 16.50 -32.10 -32.99
N HIS B 139 15.42 -31.50 -32.50
CA HIS B 139 14.71 -32.07 -31.36
C HIS B 139 13.33 -32.61 -31.73
N GLY B 140 12.96 -32.54 -33.00
CA GLY B 140 11.65 -32.96 -33.44
C GLY B 140 10.62 -31.85 -33.33
N ARG B 141 9.45 -32.13 -33.88
CA ARG B 141 8.34 -31.21 -33.83
C ARG B 141 8.01 -30.86 -32.38
N ILE B 142 7.76 -29.58 -32.14
CA ILE B 142 7.22 -29.20 -30.82
C ILE B 142 5.89 -29.92 -30.62
N PRO B 143 5.68 -30.62 -29.50
CA PRO B 143 4.41 -31.32 -29.29
C PRO B 143 3.27 -30.34 -29.06
N GLU B 144 2.06 -30.75 -29.43
CA GLU B 144 0.90 -29.90 -29.22
CA GLU B 144 0.90 -29.91 -29.21
C GLU B 144 0.69 -29.66 -27.72
N ASP B 145 0.15 -28.48 -27.42
CA ASP B 145 -0.19 -28.10 -26.03
C ASP B 145 1.03 -28.12 -25.11
N ALA B 146 2.21 -27.80 -25.62
CA ALA B 146 3.40 -27.71 -24.78
C ALA B 146 3.67 -26.26 -24.40
N TRP B 147 4.33 -26.08 -23.25
CA TRP B 147 4.99 -24.82 -22.97
C TRP B 147 6.27 -24.73 -23.77
N VAL B 148 6.52 -23.54 -24.32
CA VAL B 148 7.77 -23.27 -25.05
C VAL B 148 8.49 -22.20 -24.26
N LEU B 149 9.71 -22.51 -23.78
CA LEU B 149 10.50 -21.55 -23.03
C LEU B 149 11.66 -21.09 -23.90
N MET B 150 11.85 -19.78 -23.99
CA MET B 150 12.99 -19.18 -24.68
C MET B 150 14.09 -18.97 -23.65
N ARG B 151 15.06 -19.87 -23.63
CA ARG B 151 16.20 -19.73 -22.76
C ARG B 151 17.16 -18.70 -23.34
N THR B 152 17.58 -17.75 -22.50
CA THR B 152 18.59 -16.76 -22.84
C THR B 152 19.68 -16.62 -21.80
N ASP B 153 19.53 -17.26 -20.65
CA ASP B 153 20.38 -17.05 -19.47
C ASP B 153 20.33 -15.60 -18.99
N TRP B 154 19.28 -14.85 -19.34
CA TRP B 154 19.12 -13.48 -18.85
C TRP B 154 19.02 -13.45 -17.34
N SER B 155 18.52 -14.54 -16.75
CA SER B 155 18.30 -14.62 -15.31
C SER B 155 19.60 -14.56 -14.53
N LYS B 156 20.74 -14.63 -15.19
CA LYS B 156 22.01 -14.48 -14.48
C LYS B 156 22.40 -13.03 -14.26
N ARG B 157 21.72 -12.07 -14.91
CA ARG B 157 22.00 -10.65 -14.74
C ARG B 157 21.45 -10.18 -13.40
N ARG B 158 22.28 -9.52 -12.60
CA ARG B 158 21.97 -9.23 -11.21
C ARG B 158 21.84 -7.76 -10.88
N GLY B 159 21.96 -6.87 -11.85
CA GLY B 159 21.85 -5.44 -11.58
C GLY B 159 20.94 -4.76 -12.57
N ALA B 160 21.34 -3.55 -12.97
CA ALA B 160 20.54 -2.80 -13.92
C ALA B 160 20.54 -3.44 -15.28
N ASP B 161 21.45 -4.40 -15.53
CA ASP B 161 21.50 -5.15 -16.78
C ASP B 161 20.33 -6.10 -16.95
N TYR B 162 19.55 -6.36 -15.91
CA TYR B 162 18.42 -7.26 -16.04
C TYR B 162 17.26 -6.58 -16.78
N LEU B 163 16.80 -5.42 -16.30
CA LEU B 163 15.82 -4.68 -17.09
C LEU B 163 16.46 -4.09 -18.34
N ASN B 164 17.72 -3.66 -18.21
CA ASN B 164 18.53 -3.14 -19.30
C ASN B 164 17.83 -1.99 -20.01
N MET B 165 17.46 -0.99 -19.23
CA MET B 165 16.81 0.20 -19.74
CA MET B 165 16.80 0.20 -19.73
C MET B 165 17.82 1.12 -20.39
N ARG B 166 17.51 1.60 -21.58
CA ARG B 166 18.27 2.63 -22.27
C ARG B 166 17.33 3.83 -22.47
N ALA B 167 17.80 4.84 -23.19
CA ALA B 167 16.99 6.05 -23.37
C ALA B 167 15.66 5.76 -24.04
N ASP B 168 15.62 4.79 -24.96
CA ASP B 168 14.37 4.46 -25.63
C ASP B 168 13.69 3.24 -25.02
N GLY B 169 14.00 2.93 -23.78
CA GLY B 169 13.31 1.87 -23.10
C GLY B 169 14.18 0.65 -22.94
N PRO B 170 13.57 -0.47 -22.59
CA PRO B 170 14.34 -1.69 -22.31
C PRO B 170 14.77 -2.43 -23.56
N HIS B 171 15.94 -3.03 -23.46
CA HIS B 171 16.50 -3.85 -24.54
C HIS B 171 16.72 -5.25 -24.00
N SER B 172 15.85 -6.17 -24.39
CA SER B 172 15.97 -7.55 -23.92
C SER B 172 15.38 -8.46 -24.99
N PRO B 173 15.76 -9.73 -25.01
CA PRO B 173 15.37 -10.61 -26.13
C PRO B 173 13.90 -10.94 -26.09
N GLY B 174 13.39 -11.39 -27.23
CA GLY B 174 12.01 -11.81 -27.32
C GLY B 174 11.66 -12.36 -28.69
N PRO B 175 10.41 -12.79 -28.86
CA PRO B 175 9.95 -13.37 -30.13
C PRO B 175 9.42 -12.32 -31.09
N THR B 176 9.57 -12.62 -32.39
CA THR B 176 8.94 -11.77 -33.37
C THR B 176 7.47 -12.13 -33.53
N PRO B 177 6.67 -11.25 -34.12
CA PRO B 177 5.25 -11.62 -34.38
C PRO B 177 5.15 -12.91 -35.18
N GLU B 178 6.02 -13.09 -36.17
CA GLU B 178 5.93 -14.29 -36.98
C GLU B 178 6.26 -15.53 -36.17
N ALA B 179 7.19 -15.40 -35.22
CA ALA B 179 7.52 -16.57 -34.38
C ALA B 179 6.33 -16.96 -33.54
N ILE B 180 5.67 -15.97 -32.93
CA ILE B 180 4.52 -16.25 -32.07
C ILE B 180 3.39 -16.84 -32.87
N ARG B 181 3.14 -16.27 -34.06
CA ARG B 181 2.07 -16.77 -34.93
C ARG B 181 2.33 -18.22 -35.29
N PHE B 182 3.57 -18.55 -35.61
CA PHE B 182 3.90 -19.93 -35.93
C PHE B 182 3.60 -20.86 -34.75
N LEU B 183 4.04 -20.47 -33.54
CA LEU B 183 3.83 -21.35 -32.39
C LEU B 183 2.35 -21.54 -32.08
N ILE B 184 1.55 -20.49 -32.20
CA ILE B 184 0.12 -20.60 -31.92
C ILE B 184 -0.57 -21.39 -33.02
N GLU B 185 -0.43 -20.95 -34.27
CA GLU B 185 -1.25 -21.46 -35.36
C GLU B 185 -0.73 -22.78 -35.90
N GLU B 186 0.57 -22.96 -35.95
CA GLU B 186 1.10 -24.17 -36.54
C GLU B 186 1.50 -25.20 -35.50
N ARG B 187 1.64 -24.84 -34.22
CA ARG B 187 1.97 -25.83 -33.20
C ARG B 187 1.01 -25.90 -32.01
N ASN B 188 0.02 -25.01 -31.92
CA ASN B 188 -0.95 -25.02 -30.83
C ASN B 188 -0.30 -25.14 -29.45
N ILE B 189 0.67 -24.27 -29.17
CA ILE B 189 1.32 -24.33 -27.86
C ILE B 189 0.34 -23.94 -26.75
N ARG B 190 0.71 -24.33 -25.52
CA ARG B 190 -0.03 -23.95 -24.32
C ARG B 190 0.31 -22.53 -23.89
N GLY B 191 1.58 -22.17 -24.01
CA GLY B 191 2.06 -20.89 -23.53
C GLY B 191 3.54 -20.76 -23.85
N PHE B 192 4.05 -19.57 -23.56
CA PHE B 192 5.40 -19.16 -23.88
C PHE B 192 6.01 -18.51 -22.65
N GLY B 193 7.26 -18.86 -22.34
CA GLY B 193 7.92 -18.35 -21.14
C GLY B 193 9.32 -17.82 -21.45
N THR B 194 9.75 -16.85 -20.65
N THR B 194 9.77 -16.94 -20.56
CA THR B 194 11.05 -16.24 -20.82
CA THR B 194 10.97 -16.14 -20.78
C THR B 194 11.73 -16.03 -19.47
C THR B 194 11.70 -15.91 -19.45
N GLU B 195 13.00 -15.63 -19.54
CA GLU B 195 13.81 -15.24 -18.38
CA GLU B 195 13.79 -15.25 -18.38
C GLU B 195 13.88 -13.74 -18.18
N THR B 196 13.18 -12.96 -18.97
CA THR B 196 13.13 -11.51 -18.84
C THR B 196 11.83 -11.12 -18.17
N VAL B 197 11.64 -9.82 -17.93
CA VAL B 197 10.36 -9.38 -17.36
C VAL B 197 9.20 -9.38 -18.34
N GLY B 198 9.41 -9.71 -19.62
CA GLY B 198 8.30 -9.74 -20.57
C GLY B 198 8.36 -10.95 -21.48
N THR B 199 7.16 -11.42 -21.86
CA THR B 199 7.11 -12.40 -22.94
C THR B 199 7.42 -11.74 -24.27
N ASP B 200 7.33 -10.41 -24.35
CA ASP B 200 7.74 -9.68 -25.53
C ASP B 200 9.17 -9.20 -25.31
N ALA B 201 9.84 -8.92 -26.44
CA ALA B 201 11.11 -8.20 -26.43
C ALA B 201 10.95 -6.85 -25.72
N GLY B 202 12.05 -6.35 -25.14
CA GLY B 202 12.01 -5.04 -24.51
C GLY B 202 11.51 -3.94 -25.44
N GLN B 203 11.92 -3.99 -26.71
CA GLN B 203 11.45 -3.07 -27.75
C GLN B 203 10.20 -3.58 -28.46
N GLY B 204 9.45 -4.50 -27.84
CA GLY B 204 8.26 -5.10 -28.44
C GLY B 204 7.11 -4.15 -28.78
N ALA B 205 7.07 -2.95 -28.17
CA ALA B 205 6.05 -1.98 -28.56
C ALA B 205 6.16 -1.58 -30.03
N HIS B 206 7.32 -1.82 -30.66
CA HIS B 206 7.51 -1.39 -32.03
C HIS B 206 7.33 -2.51 -33.07
N TYR B 207 6.91 -3.69 -32.67
CA TYR B 207 6.49 -4.72 -33.61
C TYR B 207 5.09 -4.41 -34.09
N VAL B 208 4.68 -5.15 -35.11
CA VAL B 208 3.35 -5.05 -35.69
C VAL B 208 2.69 -6.40 -35.50
N PRO B 209 1.67 -6.55 -34.66
CA PRO B 209 1.07 -5.55 -33.76
C PRO B 209 1.99 -5.29 -32.57
N PRO B 210 1.80 -4.19 -31.85
CA PRO B 210 2.63 -3.91 -30.68
C PRO B 210 2.46 -5.00 -29.63
N TYR B 211 3.57 -5.34 -28.96
CA TYR B 211 3.58 -6.36 -27.91
C TYR B 211 2.94 -7.62 -28.48
N PRO B 212 3.50 -8.17 -29.56
CA PRO B 212 2.81 -9.26 -30.25
C PRO B 212 2.70 -10.54 -29.45
N ALA B 213 3.66 -10.87 -28.62
CA ALA B 213 3.49 -12.07 -27.80
C ALA B 213 2.25 -11.91 -26.93
N HIS B 214 2.14 -10.80 -26.22
CA HIS B 214 0.95 -10.60 -25.40
C HIS B 214 -0.32 -10.57 -26.24
N TYR B 215 -0.32 -9.75 -27.29
CA TYR B 215 -1.54 -9.58 -28.08
C TYR B 215 -1.98 -10.88 -28.70
N LEU B 216 -1.05 -11.62 -29.32
CA LEU B 216 -1.41 -12.84 -30.01
C LEU B 216 -1.60 -14.02 -29.08
N LEU B 217 -0.71 -14.22 -28.10
CA LEU B 217 -0.90 -15.34 -27.18
C LEU B 217 -2.24 -15.19 -26.48
N HIS B 218 -2.47 -14.03 -25.87
CA HIS B 218 -3.67 -13.94 -25.05
C HIS B 218 -4.93 -13.86 -25.89
N GLY B 219 -4.84 -13.31 -27.12
CA GLY B 219 -6.00 -13.34 -28.01
C GLY B 219 -6.41 -14.76 -28.36
N ALA B 220 -5.46 -15.68 -28.30
CA ALA B 220 -5.70 -17.08 -28.65
C ALA B 220 -5.92 -17.95 -27.42
N GLY B 221 -6.07 -17.35 -26.25
CA GLY B 221 -6.30 -18.10 -25.03
C GLY B 221 -5.07 -18.78 -24.47
N LYS B 222 -3.88 -18.33 -24.86
CA LYS B 222 -2.64 -18.94 -24.40
C LYS B 222 -2.05 -18.15 -23.24
N TYR B 223 -1.08 -18.78 -22.56
CA TYR B 223 -0.54 -18.24 -21.31
C TYR B 223 0.90 -17.76 -21.48
N GLY B 224 1.34 -16.96 -20.50
CA GLY B 224 2.71 -16.47 -20.49
C GLY B 224 3.37 -16.73 -19.14
N LEU B 225 4.69 -16.91 -19.19
CA LEU B 225 5.52 -16.96 -17.98
C LEU B 225 6.68 -15.99 -18.14
N GLN B 226 7.02 -15.27 -17.07
CA GLN B 226 8.10 -14.29 -17.10
CA GLN B 226 8.09 -14.28 -17.09
C GLN B 226 8.97 -14.44 -15.88
N CYS B 227 10.21 -13.94 -16.01
CA CYS B 227 11.19 -13.96 -14.91
C CYS B 227 11.46 -15.37 -14.45
N LEU B 228 11.53 -16.31 -15.39
CA LEU B 228 11.97 -17.66 -15.05
C LEU B 228 13.49 -17.66 -14.80
N ALA B 229 13.91 -18.57 -13.92
CA ALA B 229 15.31 -18.80 -13.59
C ALA B 229 15.69 -20.24 -13.93
N ASN B 230 17.00 -20.47 -14.08
CA ASN B 230 17.59 -21.81 -14.11
C ASN B 230 17.19 -22.61 -15.34
N LEU B 231 16.84 -21.94 -16.43
CA LEU B 231 16.51 -22.70 -17.64
C LEU B 231 17.72 -23.47 -18.19
N ASP B 232 18.94 -23.05 -17.83
CA ASP B 232 20.11 -23.81 -18.25
C ASP B 232 20.22 -25.16 -17.56
N GLN B 233 19.35 -25.44 -16.61
CA GLN B 233 19.33 -26.76 -15.97
C GLN B 233 18.38 -27.72 -16.66
N LEU B 234 17.66 -27.29 -17.68
CA LEU B 234 16.61 -28.12 -18.26
C LEU B 234 17.06 -28.75 -19.57
N PRO B 235 16.57 -29.95 -19.87
CA PRO B 235 16.78 -30.52 -21.20
C PRO B 235 15.90 -29.84 -22.22
N ALA B 236 16.30 -29.90 -23.49
CA ALA B 236 15.49 -29.30 -24.56
C ALA B 236 14.10 -29.95 -24.64
N THR B 237 14.03 -31.25 -24.42
CA THR B 237 12.76 -31.99 -24.43
C THR B 237 12.73 -32.96 -23.25
N GLY B 238 11.49 -33.35 -22.87
CA GLY B 238 11.29 -34.43 -21.90
C GLY B 238 10.98 -34.00 -20.48
N ALA B 239 11.12 -32.72 -20.17
CA ALA B 239 10.77 -32.27 -18.82
C ALA B 239 9.29 -31.92 -18.76
N VAL B 240 8.78 -31.82 -17.53
CA VAL B 240 7.39 -31.51 -17.26
C VAL B 240 7.35 -30.25 -16.43
N LEU B 241 6.60 -29.27 -16.88
CA LEU B 241 6.48 -28.00 -16.16
C LEU B 241 5.27 -28.01 -15.24
N ILE B 242 5.48 -27.51 -14.03
CA ILE B 242 4.40 -27.22 -13.07
C ILE B 242 4.31 -25.71 -12.91
N ALA B 243 3.20 -25.16 -13.32
CA ALA B 243 2.99 -23.71 -13.29
C ALA B 243 1.53 -23.46 -12.93
N ALA B 244 1.28 -23.46 -11.61
CA ALA B 244 -0.07 -23.28 -11.07
C ALA B 244 -0.20 -21.92 -10.40
N PRO B 245 -0.86 -20.95 -11.03
CA PRO B 245 -0.95 -19.62 -10.44
C PRO B 245 -1.91 -19.60 -9.26
N LEU B 246 -1.78 -18.55 -8.45
CA LEU B 246 -2.71 -18.32 -7.34
C LEU B 246 -4.13 -18.17 -7.89
N LYS B 247 -5.10 -18.60 -7.08
CA LYS B 247 -6.51 -18.61 -7.52
C LYS B 247 -7.15 -17.25 -7.21
N ILE B 248 -6.61 -16.19 -7.85
CA ILE B 248 -7.07 -14.82 -7.60
C ILE B 248 -8.38 -14.57 -8.31
N LYS B 249 -9.38 -14.11 -7.56
CA LYS B 249 -10.68 -13.81 -8.15
C LYS B 249 -10.56 -12.84 -9.35
N ASN B 250 -11.02 -13.30 -10.52
CA ASN B 250 -10.94 -12.52 -11.77
C ASN B 250 -9.51 -12.07 -12.05
N GLY B 251 -8.51 -12.82 -11.58
CA GLY B 251 -7.13 -12.34 -11.69
C GLY B 251 -6.58 -12.47 -13.10
N THR B 252 -5.70 -11.54 -13.46
CA THR B 252 -5.07 -11.56 -14.77
C THR B 252 -3.75 -12.32 -14.81
N GLY B 253 -3.26 -12.77 -13.66
CA GLY B 253 -1.95 -13.33 -13.53
C GLY B 253 -1.66 -13.52 -12.07
N SER B 254 -0.49 -14.11 -11.79
CA SER B 254 -0.06 -14.15 -10.39
C SER B 254 1.42 -14.50 -10.31
N PRO B 255 2.10 -14.06 -9.27
CA PRO B 255 3.37 -14.70 -8.90
C PRO B 255 3.11 -16.16 -8.60
N LEU B 256 4.12 -17.00 -8.85
CA LEU B 256 3.91 -18.42 -8.57
C LEU B 256 5.26 -19.11 -8.46
N ARG B 257 5.24 -20.32 -7.89
CA ARG B 257 6.42 -21.19 -7.83
C ARG B 257 6.42 -22.08 -9.05
N VAL B 258 7.23 -21.74 -10.04
CA VAL B 258 7.36 -22.55 -11.25
C VAL B 258 8.42 -23.63 -11.03
N LEU B 259 8.07 -24.88 -11.32
CA LEU B 259 8.94 -26.03 -11.13
C LEU B 259 9.05 -26.80 -12.43
N ALA B 260 10.18 -27.47 -12.66
CA ALA B 260 10.27 -28.44 -13.74
C ALA B 260 10.70 -29.77 -13.16
N MET B 261 10.02 -30.85 -13.54
CA MET B 261 10.46 -32.19 -13.22
C MET B 261 11.29 -32.72 -14.39
N VAL B 262 12.49 -33.23 -14.07
CA VAL B 262 13.46 -33.66 -15.07
C VAL B 262 13.91 -35.07 -14.77
N THR B 263 13.96 -35.90 -15.82
CA THR B 263 14.40 -37.29 -15.68
C THR B 263 15.92 -37.28 -15.63
N GLU B 264 16.50 -37.88 -14.58
CA GLU B 264 17.95 -37.92 -14.47
C GLU B 264 18.39 -38.97 -13.47
N ALA C 8 -7.35 45.76 19.51
CA ALA C 8 -7.02 45.93 18.10
C ALA C 8 -5.68 45.37 17.73
N SER C 9 -5.40 44.13 18.14
CA SER C 9 -4.17 43.47 17.75
C SER C 9 -4.19 43.15 16.25
N SER C 10 -2.99 42.88 15.71
CA SER C 10 -2.91 42.51 14.29
C SER C 10 -3.73 41.28 13.99
N LEU C 11 -3.79 40.34 14.94
CA LEU C 11 -4.57 39.11 14.73
C LEU C 11 -6.07 39.39 14.74
N ASN C 12 -6.55 40.26 15.64
CA ASN C 12 -7.97 40.61 15.59
C ASN C 12 -8.31 41.28 14.28
N GLN C 13 -7.41 42.13 13.78
CA GLN C 13 -7.64 42.79 12.49
CA GLN C 13 -7.66 42.78 12.50
C GLN C 13 -7.68 41.78 11.35
N LEU C 14 -6.76 40.81 11.37
CA LEU C 14 -6.76 39.77 10.35
C LEU C 14 -8.08 39.00 10.34
N VAL C 15 -8.58 38.64 11.55
CA VAL C 15 -9.86 37.96 11.67
C VAL C 15 -10.95 38.76 10.97
N SER C 16 -11.03 40.06 11.27
CA SER C 16 -12.09 40.88 10.65
C SER C 16 -11.92 40.94 9.14
N GLY C 17 -10.69 41.08 8.66
CA GLY C 17 -10.47 41.18 7.23
C GLY C 17 -10.79 39.90 6.50
N LEU C 18 -10.47 38.75 7.11
CA LEU C 18 -10.84 37.49 6.47
C LEU C 18 -12.35 37.32 6.44
N ALA C 19 -13.04 37.81 7.46
CA ALA C 19 -14.48 37.64 7.47
C ALA C 19 -15.15 38.54 6.43
N SER C 20 -14.59 39.73 6.20
CA SER C 20 -15.22 40.72 5.33
C SER C 20 -14.80 40.58 3.88
N GLY C 21 -13.80 39.75 3.60
CA GLY C 21 -13.23 39.64 2.27
C GLY C 21 -12.14 40.62 1.94
N ALA C 22 -11.75 41.50 2.89
CA ALA C 22 -10.64 42.42 2.65
C ALA C 22 -9.31 41.68 2.55
N VAL C 23 -9.22 40.53 3.20
CA VAL C 23 -8.13 39.58 3.03
C VAL C 23 -8.76 38.32 2.45
N ARG C 24 -8.22 37.83 1.34
CA ARG C 24 -8.70 36.64 0.67
C ARG C 24 -7.70 35.51 0.84
N ILE C 25 -8.20 34.27 0.81
CA ILE C 25 -7.33 33.11 0.86
C ILE C 25 -7.39 32.42 -0.49
N VAL C 26 -6.22 32.21 -1.08
CA VAL C 26 -6.07 31.50 -2.35
C VAL C 26 -5.54 30.11 -2.03
N ASP C 27 -6.20 29.08 -2.54
CA ASP C 27 -5.76 27.71 -2.35
C ASP C 27 -4.73 27.36 -3.42
N LEU C 28 -3.51 27.01 -3.00
CA LEU C 28 -2.46 26.71 -3.96
C LEU C 28 -2.25 25.21 -4.14
N THR C 29 -3.27 24.40 -3.81
CA THR C 29 -3.12 22.95 -3.72
C THR C 29 -3.91 22.26 -4.83
N HIS C 30 -3.29 21.23 -5.45
CA HIS C 30 -4.02 20.31 -6.32
C HIS C 30 -4.76 19.27 -5.48
N THR C 31 -5.84 18.74 -6.03
CA THR C 31 -6.52 17.64 -5.38
C THR C 31 -5.65 16.39 -5.33
N LEU C 32 -5.64 15.75 -4.16
CA LEU C 32 -5.05 14.42 -4.01
C LEU C 32 -6.02 13.42 -4.61
N ASP C 33 -5.58 12.72 -5.64
CA ASP C 33 -6.45 11.94 -6.50
C ASP C 33 -5.57 10.87 -7.09
N PRO C 34 -6.06 9.63 -7.28
CA PRO C 34 -5.18 8.57 -7.78
C PRO C 34 -4.60 8.87 -9.15
N ASP C 35 -5.23 9.74 -9.93
CA ASP C 35 -4.72 9.98 -11.27
C ASP C 35 -3.90 11.25 -11.40
N PHE C 36 -3.62 11.96 -10.32
CA PHE C 36 -2.77 13.12 -10.44
C PHE C 36 -1.32 12.65 -10.58
N PRO C 37 -0.55 13.19 -11.55
CA PRO C 37 0.80 12.66 -11.79
C PRO C 37 1.73 12.96 -10.63
N VAL C 38 2.67 12.04 -10.42
CA VAL C 38 3.74 12.24 -9.45
C VAL C 38 5.08 12.13 -10.16
N ILE C 39 6.12 12.57 -9.46
CA ILE C 39 7.46 12.52 -10.02
CA ILE C 39 7.46 12.52 -10.02
C ILE C 39 7.83 11.10 -10.44
N VAL C 40 8.54 10.99 -11.55
CA VAL C 40 9.08 9.71 -12.03
C VAL C 40 10.57 9.90 -12.17
N LEU C 41 11.32 8.94 -11.63
CA LEU C 41 12.77 8.95 -11.63
C LEU C 41 13.25 7.84 -12.53
N PRO C 42 14.56 7.80 -12.81
CA PRO C 42 15.08 6.69 -13.62
C PRO C 42 14.67 5.35 -13.04
N PRO C 43 14.52 4.34 -13.89
CA PRO C 43 13.80 3.13 -13.49
C PRO C 43 14.51 2.24 -12.49
N GLU C 44 15.82 2.39 -12.28
CA GLU C 44 16.48 1.60 -11.27
C GLU C 44 16.15 2.03 -9.85
N PHE C 45 15.48 3.17 -9.67
CA PHE C 45 15.21 3.71 -8.35
C PHE C 45 13.80 3.40 -7.87
N GLY C 46 13.64 3.43 -6.55
CA GLY C 46 12.30 3.43 -5.99
C GLY C 46 11.52 4.67 -6.42
N GLN C 47 10.23 4.50 -6.61
CA GLN C 47 9.43 5.60 -7.15
C GLN C 47 8.39 6.12 -6.19
N CYS C 48 8.05 7.39 -6.37
CA CYS C 48 6.93 8.01 -5.67
C CYS C 48 5.62 7.33 -6.04
N ALA C 49 4.75 7.17 -5.03
CA ALA C 49 3.45 6.55 -5.21
C ALA C 49 2.42 7.60 -5.58
N ARG C 50 1.38 7.14 -6.28
CA ARG C 50 0.15 7.89 -6.41
C ARG C 50 -0.66 7.84 -5.13
N PHE C 51 -1.54 8.82 -4.98
CA PHE C 51 -2.53 8.81 -3.90
C PHE C 51 -3.55 7.69 -4.12
N ARG C 52 -3.96 7.03 -3.04
CA ARG C 52 -4.98 5.99 -3.12
C ARG C 52 -5.93 6.12 -1.93
N MET C 53 -7.22 5.82 -2.14
CA MET C 53 -8.12 5.81 -1.01
C MET C 53 -9.10 4.65 -1.15
N GLU C 54 -9.53 4.12 -0.01
CA GLU C 54 -10.42 2.96 0.05
C GLU C 54 -11.45 3.18 1.15
N GLU C 55 -12.73 2.92 0.86
CA GLU C 55 -13.78 3.09 1.87
C GLU C 55 -13.58 2.14 3.05
N ILE C 56 -13.71 2.66 4.28
CA ILE C 56 -13.90 1.84 5.48
C ILE C 56 -15.39 1.55 5.68
N SER C 57 -16.22 2.59 5.55
CA SER C 57 -17.67 2.50 5.56
C SER C 57 -18.25 3.68 4.78
N ALA C 58 -19.52 3.56 4.39
CA ALA C 58 -20.19 4.67 3.68
C ALA C 58 -21.68 4.64 4.05
N TYR C 59 -21.95 4.92 5.33
CA TYR C 59 -23.31 4.95 5.87
C TYR C 59 -24.01 3.61 5.61
N ASP C 60 -23.34 2.53 6.00
CA ASP C 60 -23.77 1.18 5.66
C ASP C 60 -23.46 0.25 6.83
N HIS C 61 -23.58 -1.06 6.61
CA HIS C 61 -23.39 -1.98 7.73
C HIS C 61 -21.99 -1.91 8.33
N ARG C 62 -21.00 -1.40 7.58
CA ARG C 62 -19.65 -1.27 8.13
C ARG C 62 -19.49 -0.07 9.04
N GLY C 63 -20.45 0.84 9.05
CA GLY C 63 -20.39 2.07 9.82
C GLY C 63 -21.65 2.83 9.51
N PRO C 64 -22.70 2.57 10.29
CA PRO C 64 -24.05 2.92 9.85
C PRO C 64 -24.28 4.40 9.67
N ALA C 65 -23.64 5.25 10.47
CA ALA C 65 -23.88 6.68 10.44
C ALA C 65 -22.68 7.51 9.97
N TRP C 66 -21.70 6.88 9.31
CA TRP C 66 -20.52 7.65 8.95
C TRP C 66 -19.86 7.06 7.71
N LYS C 67 -19.04 7.89 7.07
CA LYS C 67 -18.30 7.54 5.87
C LYS C 67 -16.87 7.96 6.13
N TRP C 68 -15.91 7.12 5.80
CA TRP C 68 -14.49 7.42 6.02
C TRP C 68 -13.66 6.41 5.25
N HIS C 69 -12.38 6.75 5.05
CA HIS C 69 -11.52 6.04 4.12
C HIS C 69 -10.14 5.81 4.72
N ASN C 70 -9.54 4.71 4.29
CA ASN C 70 -8.09 4.54 4.39
C ASN C 70 -7.41 5.26 3.22
N ILE C 71 -6.22 5.79 3.49
CA ILE C 71 -5.51 6.55 2.45
C ILE C 71 -4.04 6.14 2.44
N SER C 72 -3.44 6.19 1.27
CA SER C 72 -2.02 5.92 1.19
C SER C 72 -1.43 6.79 0.10
N MET C 73 -0.14 7.10 0.24
CA MET C 73 0.55 8.01 -0.65
C MET C 73 2.03 7.94 -0.30
N SER C 74 2.82 8.79 -0.93
CA SER C 74 4.18 9.05 -0.49
C SER C 74 4.24 10.42 0.14
N GLU C 75 5.34 10.67 0.87
CA GLU C 75 5.60 12.00 1.39
C GLU C 75 5.65 13.06 0.29
N HIS C 76 5.94 12.65 -0.95
CA HIS C 76 6.16 13.58 -2.06
C HIS C 76 5.10 13.47 -3.13
N THR C 77 3.93 12.94 -2.78
CA THR C 77 2.77 12.89 -3.68
C THR C 77 2.04 14.24 -3.70
N GLY C 78 1.73 14.72 -4.90
CA GLY C 78 0.83 15.86 -4.98
C GLY C 78 1.51 17.17 -4.61
N THR C 79 0.69 18.16 -4.25
CA THR C 79 1.25 19.37 -3.67
C THR C 79 1.93 19.05 -2.36
N HIS C 80 3.24 19.28 -2.26
CA HIS C 80 3.94 18.76 -1.09
C HIS C 80 5.18 19.56 -0.75
N PHE C 81 5.62 19.37 0.48
CA PHE C 81 6.68 20.10 1.16
C PHE C 81 7.88 19.19 1.30
N ASP C 82 9.08 19.72 1.03
CA ASP C 82 10.34 18.97 1.21
C ASP C 82 11.10 19.54 2.40
N ALA C 83 11.43 18.67 3.39
CA ALA C 83 12.26 19.05 4.53
C ALA C 83 13.72 18.77 4.23
N PRO C 84 14.66 19.35 5.00
CA PRO C 84 16.08 19.17 4.68
C PRO C 84 16.56 17.72 4.67
N SER C 85 15.99 16.86 5.54
CA SER C 85 16.45 15.46 5.61
C SER C 85 16.11 14.69 4.33
N HIS C 86 15.27 15.26 3.45
CA HIS C 86 15.01 14.61 2.16
C HIS C 86 16.29 14.40 1.35
N TRP C 87 17.27 15.29 1.44
CA TRP C 87 18.48 15.13 0.62
C TRP C 87 19.66 14.69 1.47
N ILE C 88 20.60 13.98 0.83
CA ILE C 88 21.78 13.50 1.53
C ILE C 88 22.58 14.66 2.12
N SER C 89 22.54 15.84 1.48
CA SER C 89 23.23 17.00 2.01
C SER C 89 22.55 17.61 3.23
N GLY C 90 21.32 17.21 3.54
CA GLY C 90 20.60 17.76 4.66
C GLY C 90 20.49 16.80 5.82
N LYS C 91 21.18 15.65 5.76
CA LYS C 91 20.94 14.58 6.73
C LYS C 91 21.44 14.90 8.13
N ASP C 92 22.22 15.96 8.34
CA ASP C 92 22.57 16.35 9.70
C ASP C 92 22.13 17.77 10.07
N VAL C 93 21.23 18.36 9.29
CA VAL C 93 20.59 19.64 9.64
C VAL C 93 19.72 19.45 10.86
N PRO C 94 19.86 20.27 11.91
CA PRO C 94 18.95 20.14 13.04
C PRO C 94 17.56 20.64 12.68
N ASN C 95 16.55 20.06 13.34
CA ASN C 95 15.15 20.32 12.98
C ASN C 95 14.92 20.02 11.50
N GLY C 96 15.54 18.96 11.02
CA GLY C 96 15.59 18.67 9.60
C GLY C 96 14.47 17.81 9.06
N SER C 97 13.64 17.23 9.91
CA SER C 97 12.48 16.44 9.53
C SER C 97 11.21 17.26 9.71
N VAL C 98 10.12 16.88 8.99
CA VAL C 98 8.91 17.71 9.02
C VAL C 98 8.31 17.78 10.41
N ASP C 99 8.53 16.75 11.24
CA ASP C 99 7.96 16.81 12.56
C ASP C 99 8.72 17.73 13.49
N GLU C 100 9.90 18.20 13.10
CA GLU C 100 10.75 19.02 13.95
C GLU C 100 10.94 20.44 13.44
N ILE C 101 10.45 20.76 12.26
CA ILE C 101 10.60 22.16 11.81
C ILE C 101 9.80 23.06 12.75
N PRO C 102 10.34 24.19 13.18
CA PRO C 102 9.60 25.04 14.12
C PRO C 102 8.37 25.64 13.47
N ALA C 103 7.31 25.77 14.26
CA ALA C 103 6.03 26.24 13.71
C ALA C 103 6.14 27.65 13.15
N GLU C 104 7.10 28.45 13.64
CA GLU C 104 7.26 29.80 13.09
CA GLU C 104 7.34 29.80 13.11
C GLU C 104 7.61 29.76 11.60
N ALA C 105 8.19 28.68 11.10
CA ALA C 105 8.53 28.55 9.69
C ALA C 105 7.34 28.21 8.82
N PHE C 106 6.14 28.05 9.38
CA PHE C 106 5.00 27.62 8.56
C PHE C 106 4.12 28.76 8.04
N VAL C 107 4.34 29.99 8.49
CA VAL C 107 3.58 31.16 8.02
C VAL C 107 4.61 32.27 7.79
N GLY C 108 4.57 32.93 6.64
CA GLY C 108 5.55 33.97 6.41
C GLY C 108 5.36 34.64 5.07
N PRO C 109 6.15 35.69 4.81
CA PRO C 109 6.05 36.40 3.53
C PRO C 109 6.47 35.52 2.36
N VAL C 110 5.87 35.81 1.21
CA VAL C 110 6.16 35.07 -0.01
C VAL C 110 6.32 36.07 -1.16
N VAL C 111 7.23 35.78 -2.09
CA VAL C 111 7.37 36.54 -3.31
C VAL C 111 7.18 35.58 -4.46
N VAL C 112 6.60 36.08 -5.54
CA VAL C 112 6.26 35.27 -6.71
C VAL C 112 6.96 35.89 -7.92
N ILE C 113 7.86 35.12 -8.53
CA ILE C 113 8.60 35.58 -9.71
C ILE C 113 7.89 35.01 -10.92
N ASP C 114 7.31 35.88 -11.75
CA ASP C 114 6.54 35.39 -12.90
C ASP C 114 7.46 35.04 -14.05
N CYS C 115 7.69 33.74 -14.25
CA CYS C 115 8.44 33.20 -15.38
C CYS C 115 7.53 32.50 -16.38
N SER C 116 6.24 32.87 -16.42
CA SER C 116 5.29 32.18 -17.27
C SER C 116 5.55 32.43 -18.74
N LYS C 117 5.93 33.66 -19.11
CA LYS C 117 6.25 33.93 -20.52
C LYS C 117 7.43 33.07 -21.00
N GLY C 118 8.49 32.99 -20.19
CA GLY C 118 9.64 32.18 -20.59
C GLY C 118 9.31 30.71 -20.66
N ALA C 119 8.54 30.21 -19.70
CA ALA C 119 8.18 28.80 -19.72
C ALA C 119 7.27 28.45 -20.88
N ALA C 120 6.49 29.42 -21.38
CA ALA C 120 5.63 29.14 -22.52
C ALA C 120 6.44 28.98 -23.79
N GLU C 121 7.65 29.53 -23.83
CA GLU C 121 8.51 29.44 -24.99
C GLU C 121 9.58 28.36 -24.87
N ASN C 122 9.85 27.86 -23.66
CA ASN C 122 10.93 26.92 -23.45
C ASN C 122 10.55 26.02 -22.29
N ASP C 123 10.32 24.74 -22.55
CA ASP C 123 9.98 23.83 -21.47
C ASP C 123 11.07 23.75 -20.41
N ASP C 124 12.34 24.06 -20.76
CA ASP C 124 13.47 23.97 -19.84
C ASP C 124 13.88 25.33 -19.32
N PHE C 125 12.97 26.29 -19.36
CA PHE C 125 13.24 27.66 -18.94
C PHE C 125 13.94 27.73 -17.59
N GLU C 126 15.03 28.49 -17.54
CA GLU C 126 15.87 28.61 -16.37
C GLU C 126 15.65 29.92 -15.62
N LEU C 127 15.39 29.82 -14.32
CA LEU C 127 15.51 30.98 -13.42
C LEU C 127 16.98 31.24 -13.18
N THR C 128 17.44 32.46 -13.46
CA THR C 128 18.85 32.81 -13.39
C THR C 128 19.09 33.96 -12.41
N PRO C 129 20.34 34.19 -12.00
CA PRO C 129 20.63 35.40 -11.19
C PRO C 129 20.20 36.69 -11.85
N GLU C 130 20.35 36.78 -13.19
CA GLU C 130 19.92 38.01 -13.86
C GLU C 130 18.41 38.20 -13.74
N ILE C 131 17.63 37.12 -13.85
CA ILE C 131 16.17 37.28 -13.73
C ILE C 131 15.80 37.67 -12.31
N ILE C 132 16.46 37.09 -11.30
CA ILE C 132 16.20 37.44 -9.92
C ILE C 132 16.53 38.91 -9.68
N ALA C 133 17.70 39.35 -10.14
CA ALA C 133 18.03 40.78 -9.97
C ALA C 133 17.04 41.70 -10.68
N GLY C 134 16.60 41.33 -11.89
CA GLY C 134 15.61 42.14 -12.58
C GLY C 134 14.30 42.20 -11.82
N TRP C 135 13.92 41.08 -11.22
CA TRP C 135 12.71 41.03 -10.43
C TRP C 135 12.81 41.95 -9.23
N GLU C 136 13.95 41.92 -8.55
CA GLU C 136 14.14 42.82 -7.39
C GLU C 136 14.13 44.28 -7.83
N SER C 137 14.57 44.56 -9.07
CA SER C 137 14.57 45.95 -9.52
C SER C 137 13.16 46.46 -9.73
N GLU C 138 12.21 45.56 -10.02
CA GLU C 138 10.83 45.92 -10.19
C GLU C 138 10.00 45.77 -8.92
N HIS C 139 10.40 44.90 -7.98
CA HIS C 139 9.53 44.58 -6.85
C HIS C 139 10.20 44.73 -5.50
N GLY C 140 11.42 45.24 -5.44
CA GLY C 140 12.16 45.38 -4.20
C GLY C 140 12.94 44.13 -3.83
N ARG C 141 13.90 44.31 -2.92
CA ARG C 141 14.69 43.21 -2.41
C ARG C 141 13.81 42.12 -1.83
N ILE C 142 14.18 40.87 -2.11
CA ILE C 142 13.48 39.74 -1.49
C ILE C 142 13.66 39.83 0.01
N PRO C 143 12.59 39.83 0.81
CA PRO C 143 12.79 39.96 2.26
C PRO C 143 13.44 38.72 2.86
N GLU C 144 14.05 38.93 4.02
CA GLU C 144 14.71 37.81 4.67
C GLU C 144 13.66 36.80 5.12
N ASP C 145 14.02 35.52 5.02
CA ASP C 145 13.17 34.42 5.47
C ASP C 145 11.87 34.33 4.68
N ALA C 146 11.91 34.75 3.41
CA ALA C 146 10.76 34.65 2.53
C ALA C 146 10.75 33.32 1.80
N TRP C 147 9.54 32.86 1.48
CA TRP C 147 9.39 31.87 0.44
C TRP C 147 9.54 32.55 -0.91
N VAL C 148 10.25 31.89 -1.82
CA VAL C 148 10.36 32.36 -3.19
C VAL C 148 9.69 31.34 -4.10
N LEU C 149 8.64 31.77 -4.80
CA LEU C 149 7.94 30.89 -5.74
C LEU C 149 8.25 31.26 -7.17
N MET C 150 8.67 30.27 -7.95
CA MET C 150 8.85 30.43 -9.39
C MET C 150 7.54 30.11 -10.08
N ARG C 151 6.81 31.15 -10.52
CA ARG C 151 5.58 30.95 -11.26
C ARG C 151 5.89 30.66 -12.72
N THR C 152 5.29 29.61 -13.26
CA THR C 152 5.42 29.25 -14.66
C THR C 152 4.09 28.98 -15.34
N ASP C 153 3.00 28.94 -14.56
CA ASP C 153 1.69 28.49 -15.02
C ASP C 153 1.73 27.05 -15.53
N TRP C 154 2.71 26.27 -15.06
CA TRP C 154 2.79 24.85 -15.40
C TRP C 154 1.58 24.10 -14.91
N SER C 155 0.94 24.61 -13.85
CA SER C 155 -0.15 23.90 -13.19
C SER C 155 -1.42 23.86 -14.02
N LYS C 156 -1.47 24.57 -15.14
CA LYS C 156 -2.58 24.49 -16.07
C LYS C 156 -2.45 23.31 -17.02
N ARG C 157 -1.31 22.62 -17.02
CA ARG C 157 -1.10 21.46 -17.90
C ARG C 157 -1.79 20.26 -17.29
N ARG C 158 -2.57 19.54 -18.11
CA ARG C 158 -3.57 18.60 -17.62
C ARG C 158 -3.39 17.19 -18.12
N GLY C 159 -2.35 16.90 -18.88
CA GLY C 159 -2.12 15.53 -19.28
C GLY C 159 -0.65 15.16 -19.15
N ALA C 160 -0.13 14.49 -20.17
CA ALA C 160 1.25 14.05 -20.15
C ALA C 160 2.21 15.21 -20.19
N ASP C 161 1.72 16.38 -20.61
CA ASP C 161 2.53 17.59 -20.66
C ASP C 161 2.85 18.15 -19.28
N TYR C 162 2.26 17.60 -18.21
CA TYR C 162 2.60 18.11 -16.88
C TYR C 162 3.95 17.54 -16.40
N LEU C 163 4.10 16.21 -16.38
CA LEU C 163 5.41 15.63 -16.15
CA LEU C 163 5.42 15.64 -16.15
C LEU C 163 6.33 15.94 -17.31
N ASN C 164 5.78 15.91 -18.52
CA ASN C 164 6.50 16.29 -19.74
C ASN C 164 7.75 15.44 -19.96
N MET C 165 7.60 14.11 -19.84
CA MET C 165 8.70 13.17 -20.07
CA MET C 165 8.70 13.19 -20.07
C MET C 165 8.92 12.95 -21.56
N ARG C 166 10.17 13.01 -21.98
CA ARG C 166 10.47 12.70 -23.38
C ARG C 166 11.60 11.68 -23.40
N ALA C 167 12.16 11.42 -24.59
CA ALA C 167 13.13 10.35 -24.72
C ALA C 167 14.34 10.59 -23.84
N ASP C 168 14.74 11.85 -23.70
CA ASP C 168 15.91 12.23 -22.91
C ASP C 168 15.55 12.67 -21.48
N GLY C 169 14.38 12.31 -21.00
CA GLY C 169 13.99 12.62 -19.64
C GLY C 169 12.97 13.74 -19.58
N PRO C 170 12.70 14.24 -18.38
CA PRO C 170 11.65 15.26 -18.24
C PRO C 170 12.15 16.63 -18.61
N HIS C 171 11.23 17.49 -19.09
CA HIS C 171 11.55 18.86 -19.48
C HIS C 171 10.59 19.78 -18.76
N SER C 172 11.10 20.49 -17.77
CA SER C 172 10.26 21.41 -17.05
C SER C 172 11.14 22.49 -16.44
N PRO C 173 10.59 23.68 -16.17
CA PRO C 173 11.45 24.82 -15.79
C PRO C 173 11.98 24.67 -14.39
N GLY C 174 13.07 25.39 -14.13
CA GLY C 174 13.68 25.36 -12.82
C GLY C 174 14.84 26.33 -12.69
N PRO C 175 15.43 26.40 -11.49
CA PRO C 175 16.55 27.30 -11.22
C PRO C 175 17.90 26.69 -11.58
N THR C 176 18.81 27.57 -12.00
CA THR C 176 20.21 27.19 -12.14
C THR C 176 20.90 27.10 -10.77
N PRO C 177 22.01 26.35 -10.68
CA PRO C 177 22.79 26.35 -9.43
C PRO C 177 23.11 27.74 -8.92
N GLU C 178 23.48 28.64 -9.83
CA GLU C 178 23.87 29.98 -9.44
C GLU C 178 22.67 30.75 -8.89
N ALA C 179 21.50 30.52 -9.46
CA ALA C 179 20.30 31.21 -8.95
C ALA C 179 19.95 30.73 -7.55
N ILE C 180 19.97 29.41 -7.33
CA ILE C 180 19.69 28.88 -5.99
C ILE C 180 20.74 29.31 -5.00
N ARG C 181 22.02 29.30 -5.40
CA ARG C 181 23.09 29.74 -4.51
C ARG C 181 22.88 31.18 -4.10
N PHE C 182 22.53 32.02 -5.07
CA PHE C 182 22.25 33.42 -4.78
C PHE C 182 21.14 33.56 -3.72
N LEU C 183 20.03 32.85 -3.91
CA LEU C 183 18.91 32.99 -3.01
C LEU C 183 19.26 32.55 -1.59
N ILE C 184 19.98 31.42 -1.46
CA ILE C 184 20.32 30.87 -0.14
C ILE C 184 21.33 31.77 0.56
N GLU C 185 22.41 32.09 -0.13
CA GLU C 185 23.57 32.72 0.48
C GLU C 185 23.42 34.23 0.59
N GLU C 186 22.84 34.89 -0.41
CA GLU C 186 22.78 36.34 -0.40
C GLU C 186 21.43 36.90 0.03
N ARG C 187 20.38 36.06 0.14
CA ARG C 187 19.09 36.50 0.61
C ARG C 187 18.53 35.69 1.78
N ASN C 188 19.13 34.57 2.16
CA ASN C 188 18.64 33.75 3.29
C ASN C 188 17.14 33.42 3.20
N ILE C 189 16.72 32.92 2.07
CA ILE C 189 15.30 32.55 1.91
C ILE C 189 14.92 31.41 2.85
N ARG C 190 13.60 31.30 3.09
CA ARG C 190 13.04 30.18 3.85
C ARG C 190 12.95 28.92 2.99
N GLY C 191 12.56 29.09 1.72
CA GLY C 191 12.39 27.96 0.83
C GLY C 191 12.02 28.45 -0.55
N PHE C 192 11.99 27.48 -1.48
CA PHE C 192 11.74 27.70 -2.89
C PHE C 192 10.63 26.77 -3.35
N GLY C 193 9.68 27.31 -4.12
CA GLY C 193 8.51 26.56 -4.55
C GLY C 193 8.26 26.68 -6.04
N THR C 194 7.71 25.62 -6.63
N THR C 194 7.60 25.66 -6.59
CA THR C 194 7.39 25.60 -8.06
CA THR C 194 7.44 25.49 -8.02
C THR C 194 6.03 24.98 -8.30
C THR C 194 6.06 24.89 -8.32
N GLU C 195 5.60 25.07 -9.56
CA GLU C 195 4.38 24.46 -10.06
C GLU C 195 4.65 23.15 -10.78
N THR C 196 5.87 22.67 -10.77
CA THR C 196 6.24 21.41 -11.37
C THR C 196 6.41 20.36 -10.28
N VAL C 197 6.73 19.11 -10.67
CA VAL C 197 6.96 18.08 -9.65
C VAL C 197 8.30 18.23 -8.97
N GLY C 198 9.15 19.15 -9.41
CA GLY C 198 10.46 19.26 -8.78
C GLY C 198 10.88 20.71 -8.52
N THR C 199 11.58 20.95 -7.40
CA THR C 199 12.24 22.24 -7.23
C THR C 199 13.43 22.39 -8.15
N ASP C 200 13.92 21.30 -8.74
CA ASP C 200 14.89 21.38 -9.83
C ASP C 200 14.17 21.32 -11.18
N ALA C 201 14.83 21.88 -12.19
CA ALA C 201 14.44 21.68 -13.59
C ALA C 201 14.34 20.19 -13.92
N GLY C 202 13.49 19.85 -14.90
CA GLY C 202 13.39 18.45 -15.32
C GLY C 202 14.72 17.83 -15.69
N GLN C 203 15.59 18.61 -16.32
CA GLN C 203 16.92 18.20 -16.73
C GLN C 203 17.97 18.46 -15.65
N GLY C 204 17.55 18.67 -14.41
CA GLY C 204 18.44 19.12 -13.35
C GLY C 204 19.47 18.09 -12.90
N ALA C 205 19.31 16.83 -13.28
CA ALA C 205 20.34 15.86 -12.96
C ALA C 205 21.66 16.20 -13.69
N HIS C 206 21.59 17.04 -14.71
CA HIS C 206 22.77 17.36 -15.49
C HIS C 206 23.48 18.65 -15.03
N TYR C 207 22.91 19.39 -14.07
CA TYR C 207 23.60 20.50 -13.46
C TYR C 207 24.71 20.00 -12.54
N VAL C 208 25.55 20.94 -12.12
CA VAL C 208 26.60 20.69 -11.15
C VAL C 208 26.37 21.62 -9.97
N PRO C 209 26.13 21.11 -8.75
CA PRO C 209 25.93 19.70 -8.40
C PRO C 209 24.62 19.20 -9.00
N PRO C 210 24.48 17.89 -9.19
CA PRO C 210 23.21 17.36 -9.71
C PRO C 210 22.08 17.69 -8.75
N TYR C 211 20.91 17.95 -9.32
CA TYR C 211 19.74 18.36 -8.55
CA TYR C 211 19.73 18.38 -8.57
C TYR C 211 20.11 19.51 -7.60
N PRO C 212 20.59 20.64 -8.14
CA PRO C 212 21.21 21.67 -7.28
C PRO C 212 20.25 22.37 -6.33
N ALA C 213 19.01 22.60 -6.76
CA ALA C 213 18.03 23.12 -5.83
C ALA C 213 17.91 22.20 -4.63
N HIS C 214 17.75 20.90 -4.86
CA HIS C 214 17.64 19.99 -3.74
C HIS C 214 18.94 19.97 -2.93
N TYR C 215 20.07 19.76 -3.62
CA TYR C 215 21.34 19.61 -2.90
C TYR C 215 21.65 20.86 -2.09
N LEU C 216 21.50 22.02 -2.72
CA LEU C 216 21.88 23.26 -2.04
C LEU C 216 20.82 23.75 -1.09
N LEU C 217 19.52 23.72 -1.45
CA LEU C 217 18.51 24.14 -0.47
C LEU C 217 18.60 23.32 0.80
N HIS C 218 18.58 21.99 0.68
CA HIS C 218 18.46 21.18 1.88
C HIS C 218 19.77 21.11 2.63
N GLY C 219 20.89 21.30 1.92
CA GLY C 219 22.17 21.38 2.63
C GLY C 219 22.25 22.58 3.53
N ALA C 220 21.52 23.64 3.18
CA ALA C 220 21.47 24.87 3.96
C ALA C 220 20.28 24.93 4.90
N GLY C 221 19.54 23.82 5.08
CA GLY C 221 18.41 23.79 5.98
C GLY C 221 17.18 24.47 5.46
N LYS C 222 17.06 24.65 4.17
CA LYS C 222 15.91 25.32 3.57
C LYS C 222 14.92 24.29 3.02
N TYR C 223 13.74 24.78 2.67
CA TYR C 223 12.60 23.93 2.36
C TYR C 223 12.20 24.06 0.90
N GLY C 224 11.46 23.07 0.42
CA GLY C 224 10.93 23.11 -0.93
C GLY C 224 9.43 22.91 -0.95
N LEU C 225 8.79 23.45 -1.99
CA LEU C 225 7.38 23.21 -2.29
C LEU C 225 7.26 22.82 -3.76
N GLN C 226 6.46 21.81 -4.06
CA GLN C 226 6.30 21.34 -5.44
CA GLN C 226 6.30 21.36 -5.44
C GLN C 226 4.83 21.17 -5.73
N CYS C 227 4.50 21.17 -7.02
CA CYS C 227 3.12 20.96 -7.48
C CYS C 227 2.16 22.01 -6.91
N LEU C 228 2.64 23.25 -6.79
CA LEU C 228 1.76 24.35 -6.42
C LEU C 228 0.84 24.70 -7.60
N ALA C 229 -0.35 25.18 -7.27
CA ALA C 229 -1.36 25.60 -8.24
C ALA C 229 -1.71 27.06 -8.00
N ASN C 230 -2.28 27.71 -9.03
CA ASN C 230 -2.94 29.02 -8.89
C ASN C 230 -1.98 30.14 -8.54
N LEU C 231 -0.70 30.03 -8.92
CA LEU C 231 0.23 31.11 -8.62
C LEU C 231 -0.08 32.36 -9.44
N ASP C 232 -0.83 32.22 -10.54
CA ASP C 232 -1.25 33.40 -11.28
C ASP C 232 -2.30 34.22 -10.55
N GLN C 233 -2.80 33.75 -9.41
CA GLN C 233 -3.72 34.55 -8.61
C GLN C 233 -3.02 35.38 -7.55
N LEU C 234 -1.70 35.30 -7.48
CA LEU C 234 -0.95 35.90 -6.40
C LEU C 234 -0.26 37.17 -6.85
N PRO C 235 -0.14 38.16 -6.00
CA PRO C 235 0.70 39.31 -6.33
C PRO C 235 2.17 38.97 -6.18
N ALA C 236 3.01 39.70 -6.91
CA ALA C 236 4.47 39.49 -6.79
C ALA C 236 4.94 39.64 -5.35
N THR C 237 4.43 40.62 -4.64
CA THR C 237 4.80 40.88 -3.25
C THR C 237 3.57 41.12 -2.41
N GLY C 238 3.73 40.90 -1.09
CA GLY C 238 2.73 41.32 -0.13
C GLY C 238 1.80 40.21 0.36
N ALA C 239 1.84 39.03 -0.25
CA ALA C 239 1.04 37.91 0.21
C ALA C 239 1.78 37.18 1.33
N VAL C 240 1.01 36.38 2.08
CA VAL C 240 1.54 35.58 3.18
C VAL C 240 1.22 34.13 2.87
N LEU C 241 2.24 33.29 2.92
CA LEU C 241 2.12 31.88 2.61
C LEU C 241 1.93 31.07 3.89
N ILE C 242 0.97 30.13 3.87
CA ILE C 242 0.77 29.13 4.92
C ILE C 242 1.15 27.77 4.33
N ALA C 243 2.18 27.14 4.88
CA ALA C 243 2.65 25.84 4.35
C ALA C 243 3.13 25.05 5.57
N ALA C 244 2.18 24.32 6.15
CA ALA C 244 2.44 23.57 7.38
C ALA C 244 2.34 22.08 7.07
N PRO C 245 3.46 21.38 6.95
CA PRO C 245 3.42 19.94 6.59
C PRO C 245 2.89 19.07 7.72
N LEU C 246 2.44 17.88 7.35
CA LEU C 246 2.05 16.90 8.36
C LEU C 246 3.20 16.60 9.30
N LYS C 247 2.87 16.30 10.56
CA LYS C 247 3.89 16.05 11.58
C LYS C 247 4.32 14.58 11.58
N ILE C 248 4.90 14.14 10.46
CA ILE C 248 5.32 12.74 10.29
C ILE C 248 6.61 12.47 11.05
N LYS C 249 6.60 11.44 11.91
CA LYS C 249 7.80 11.08 12.66
C LYS C 249 9.01 10.84 11.77
N ASN C 250 10.07 11.62 11.98
CA ASN C 250 11.28 11.54 11.15
C ASN C 250 10.99 11.72 9.66
N GLY C 251 9.93 12.46 9.32
CA GLY C 251 9.50 12.55 7.92
C GLY C 251 10.38 13.49 7.11
N THR C 252 10.51 13.17 5.81
CA THR C 252 11.31 13.99 4.92
C THR C 252 10.48 15.03 4.18
N GLY C 253 9.16 14.99 4.30
CA GLY C 253 8.30 15.87 3.53
C GLY C 253 6.88 15.41 3.76
N SER C 254 5.92 16.12 3.18
CA SER C 254 4.56 15.59 3.23
C SER C 254 3.69 16.29 2.22
N PRO C 255 2.61 15.65 1.76
CA PRO C 255 1.54 16.44 1.14
C PRO C 255 0.99 17.44 2.14
N LEU C 256 0.45 18.55 1.63
CA LEU C 256 -0.11 19.53 2.56
C LEU C 256 -1.00 20.47 1.79
N ARG C 257 -1.78 21.21 2.53
CA ARG C 257 -2.67 22.23 1.96
C ARG C 257 -1.97 23.57 2.02
N VAL C 258 -1.44 24.02 0.88
CA VAL C 258 -0.73 25.29 0.82
C VAL C 258 -1.74 26.39 0.49
N LEU C 259 -1.71 27.47 1.26
CA LEU C 259 -2.61 28.61 1.11
C LEU C 259 -1.81 29.89 1.05
N ALA C 260 -2.38 30.91 0.40
CA ALA C 260 -1.77 32.23 0.47
C ALA C 260 -2.86 33.22 0.85
N MET C 261 -2.56 34.08 1.81
CA MET C 261 -3.45 35.19 2.14
C MET C 261 -3.02 36.40 1.34
N VAL C 262 -4.01 37.11 0.78
CA VAL C 262 -3.75 38.20 -0.16
C VAL C 262 -4.67 39.34 0.20
N THR C 263 -4.15 40.55 0.15
CA THR C 263 -4.97 41.73 0.39
C THR C 263 -5.82 42.04 -0.81
N GLU C 264 -7.12 42.22 -0.59
CA GLU C 264 -8.04 42.56 -1.66
C GLU C 264 -7.77 43.99 -2.17
N SER D 1 0.59 55.85 10.73
CA SER D 1 0.51 56.28 12.14
C SER D 1 -0.27 57.59 12.28
N HIS D 2 -1.26 57.57 13.18
CA HIS D 2 -2.02 58.76 13.55
C HIS D 2 -2.37 58.66 15.02
N HIS D 3 -2.31 59.82 15.71
CA HIS D 3 -2.57 59.90 17.15
C HIS D 3 -1.64 58.96 17.92
N HIS D 4 -0.41 58.82 17.42
CA HIS D 4 0.63 58.01 18.06
C HIS D 4 0.22 56.54 18.13
N HIS D 5 -0.49 56.08 17.11
CA HIS D 5 -0.90 54.68 17.02
C HIS D 5 -0.66 54.21 15.59
N HIS D 6 0.05 53.09 15.45
CA HIS D 6 0.31 52.55 14.12
C HIS D 6 -0.91 51.80 13.59
N HIS D 7 -1.21 52.02 12.31
CA HIS D 7 -2.23 51.25 11.61
C HIS D 7 -1.69 50.90 10.24
N ALA D 8 -2.12 49.76 9.72
CA ALA D 8 -1.59 49.25 8.46
C ALA D 8 -2.53 48.15 7.96
N SER D 9 -2.18 47.58 6.80
CA SER D 9 -2.88 46.39 6.33
C SER D 9 -2.62 45.23 7.27
N SER D 10 -3.64 44.37 7.42
CA SER D 10 -3.54 43.24 8.34
C SER D 10 -2.33 42.37 8.02
N LEU D 11 -2.05 42.18 6.73
CA LEU D 11 -1.00 41.25 6.36
C LEU D 11 0.38 41.84 6.61
N ASN D 12 0.53 43.15 6.34
CA ASN D 12 1.80 43.80 6.61
C ASN D 12 2.14 43.75 8.09
N GLN D 13 1.14 43.98 8.94
CA GLN D 13 1.35 43.88 10.38
C GLN D 13 1.64 42.47 10.82
N LEU D 14 0.97 41.48 10.21
CA LEU D 14 1.26 40.10 10.55
C LEU D 14 2.71 39.73 10.19
N VAL D 15 3.17 40.15 9.01
CA VAL D 15 4.55 39.82 8.63
C VAL D 15 5.52 40.49 9.60
N SER D 16 5.28 41.77 9.94
CA SER D 16 6.12 42.47 10.92
C SER D 16 6.13 41.74 12.27
N GLY D 17 4.95 41.32 12.74
CA GLY D 17 4.83 40.71 14.05
C GLY D 17 5.46 39.33 14.10
N LEU D 18 5.33 38.57 13.02
CA LEU D 18 5.98 37.27 13.02
C LEU D 18 7.49 37.43 13.02
N ALA D 19 7.99 38.43 12.32
CA ALA D 19 9.45 38.62 12.24
C ALA D 19 10.02 39.10 13.57
N SER D 20 9.28 39.91 14.31
CA SER D 20 9.76 40.43 15.58
C SER D 20 9.45 39.51 16.75
N GLY D 21 8.54 38.55 16.57
CA GLY D 21 8.08 37.75 17.68
C GLY D 21 6.89 38.31 18.42
N ALA D 22 6.36 39.46 18.00
CA ALA D 22 5.13 39.93 18.63
C ALA D 22 3.98 38.97 18.37
N VAL D 23 4.06 38.20 17.29
CA VAL D 23 3.12 37.11 17.01
C VAL D 23 3.93 35.82 16.97
N ARG D 24 3.44 34.82 17.70
CA ARG D 24 4.08 33.52 17.76
C ARG D 24 3.14 32.48 17.16
N ILE D 25 3.71 31.41 16.65
CA ILE D 25 2.93 30.29 16.14
C ILE D 25 3.11 29.11 17.07
N VAL D 26 2.00 28.50 17.47
CA VAL D 26 1.98 27.35 18.37
C VAL D 26 1.51 26.12 17.57
N ASP D 27 2.28 25.05 17.63
CA ASP D 27 1.88 23.78 17.02
C ASP D 27 0.92 23.05 17.95
N LEU D 28 -0.24 22.65 17.43
CA LEU D 28 -1.27 21.98 18.20
C LEU D 28 -1.45 20.53 17.74
N THR D 29 -0.38 19.93 17.21
CA THR D 29 -0.44 18.65 16.50
C THR D 29 0.37 17.59 17.21
N HIS D 30 -0.16 16.37 17.30
CA HIS D 30 0.63 15.22 17.74
C HIS D 30 1.42 14.66 16.56
N THR D 31 2.59 14.09 16.85
CA THR D 31 3.33 13.40 15.79
C THR D 31 2.60 12.18 15.28
N LEU D 32 2.55 12.05 13.95
CA LEU D 32 2.09 10.83 13.29
C LEU D 32 3.15 9.75 13.47
N ASP D 33 2.76 8.65 14.11
CA ASP D 33 3.66 7.61 14.62
C ASP D 33 2.81 6.36 14.73
N PRO D 34 3.37 5.19 14.44
CA PRO D 34 2.57 3.96 14.60
C PRO D 34 2.00 3.77 16.00
N ASP D 35 2.63 4.34 17.03
CA ASP D 35 2.22 4.07 18.41
C ASP D 35 1.16 5.03 18.93
N PHE D 36 0.83 6.09 18.20
CA PHE D 36 -0.17 7.00 18.72
C PHE D 36 -1.55 6.38 18.60
N PRO D 37 -2.37 6.42 19.65
CA PRO D 37 -3.68 5.76 19.56
C PRO D 37 -4.61 6.45 18.59
N VAL D 38 -5.46 5.64 17.97
CA VAL D 38 -6.53 6.11 17.11
C VAL D 38 -7.85 5.63 17.69
N ILE D 39 -8.92 6.25 17.19
CA ILE D 39 -10.28 5.90 17.63
C ILE D 39 -10.55 4.41 17.45
N VAL D 40 -11.21 3.81 18.45
CA VAL D 40 -11.65 2.43 18.41
C VAL D 40 -13.15 2.44 18.56
N LEU D 41 -13.82 1.62 17.75
CA LEU D 41 -15.28 1.56 17.73
C LEU D 41 -15.68 0.15 18.12
N PRO D 42 -16.95 -0.09 18.44
CA PRO D 42 -17.40 -1.47 18.66
C PRO D 42 -16.94 -2.36 17.52
N PRO D 43 -16.62 -3.63 17.81
CA PRO D 43 -15.86 -4.44 16.84
C PRO D 43 -16.63 -4.87 15.61
N GLU D 44 -17.96 -4.70 15.58
CA GLU D 44 -18.70 -5.04 14.37
C GLU D 44 -18.43 -4.07 13.24
N PHE D 45 -17.86 -2.90 13.53
CA PHE D 45 -17.68 -1.85 12.53
C PHE D 45 -16.24 -1.84 12.00
N GLY D 46 -16.09 -1.38 10.76
CA GLY D 46 -14.76 -1.07 10.24
C GLY D 46 -14.04 -0.08 11.13
N GLN D 47 -12.71 -0.22 11.21
CA GLN D 47 -11.94 0.53 12.19
C GLN D 47 -10.94 1.45 11.52
N CYS D 48 -10.62 2.52 12.24
CA CYS D 48 -9.57 3.45 11.86
C CYS D 48 -8.21 2.77 11.94
N ALA D 49 -7.36 3.07 10.96
CA ALA D 49 -6.01 2.52 10.96
C ALA D 49 -5.01 3.42 11.68
N ARG D 50 -3.94 2.78 12.16
CA ARG D 50 -2.77 3.45 12.68
C ARG D 50 -1.93 3.98 11.53
N PHE D 51 -1.14 4.99 11.83
CA PHE D 51 -0.17 5.50 10.87
C PHE D 51 0.93 4.45 10.62
N ARG D 52 1.32 4.29 9.36
CA ARG D 52 2.43 3.43 8.97
C ARG D 52 3.31 4.18 7.97
N MET D 53 4.62 3.94 8.03
CA MET D 53 5.53 4.50 7.05
C MET D 53 6.62 3.49 6.71
N GLU D 54 7.07 3.54 5.45
CA GLU D 54 8.14 2.67 5.01
C GLU D 54 9.02 3.39 4.00
N GLU D 55 10.33 3.14 4.09
CA GLU D 55 11.26 3.80 3.17
C GLU D 55 11.06 3.37 1.72
N ILE D 56 11.10 4.37 0.82
CA ILE D 56 11.32 4.14 -0.60
C ILE D 56 12.82 4.05 -0.86
N SER D 57 13.56 4.99 -0.29
CA SER D 57 15.02 4.97 -0.34
C SER D 57 15.51 5.75 0.86
N ALA D 58 16.79 5.55 1.20
CA ALA D 58 17.39 6.31 2.29
C ALA D 58 18.86 6.51 1.96
N TYR D 59 19.09 7.30 0.93
CA TYR D 59 20.44 7.58 0.42
C TYR D 59 21.15 6.27 0.11
N ASP D 60 20.52 5.48 -0.73
CA ASP D 60 20.99 4.08 -0.93
C ASP D 60 20.77 3.69 -2.38
N HIS D 61 21.00 2.40 -2.68
CA HIS D 61 20.92 1.94 -4.04
C HIS D 61 19.56 2.21 -4.67
N ARG D 62 18.51 2.37 -3.85
CA ARG D 62 17.17 2.66 -4.34
C ARG D 62 16.97 4.15 -4.62
N GLY D 63 17.95 4.99 -4.26
CA GLY D 63 17.82 6.44 -4.43
C GLY D 63 19.00 7.08 -3.73
N PRO D 64 20.10 7.23 -4.46
CA PRO D 64 21.40 7.37 -3.75
C PRO D 64 21.56 8.69 -3.03
N ALA D 65 20.88 9.77 -3.44
CA ALA D 65 21.09 11.06 -2.80
C ALA D 65 19.86 11.56 -2.04
N TRP D 66 18.86 10.71 -1.80
CA TRP D 66 17.64 11.20 -1.17
C TRP D 66 16.97 10.11 -0.33
N LYS D 67 16.16 10.58 0.60
CA LYS D 67 15.41 9.73 1.50
C LYS D 67 13.95 10.15 1.42
N TRP D 68 13.05 9.17 1.42
CA TRP D 68 11.63 9.49 1.33
C TRP D 68 10.86 8.21 1.60
N HIS D 69 9.59 8.37 1.98
CA HIS D 69 8.77 7.29 2.48
C HIS D 69 7.42 7.18 1.79
N ASN D 70 6.89 5.96 1.81
CA ASN D 70 5.46 5.72 1.61
C ASN D 70 4.77 5.80 2.96
N ILE D 71 3.55 6.32 2.96
CA ILE D 71 2.80 6.47 4.20
C ILE D 71 1.39 5.96 4.00
N SER D 72 0.81 5.40 5.05
CA SER D 72 -0.59 5.02 5.00
C SER D 72 -1.23 5.26 6.35
N MET D 73 -2.52 5.51 6.31
CA MET D 73 -3.28 5.88 7.51
C MET D 73 -4.76 5.88 7.10
N SER D 74 -5.60 6.44 7.94
CA SER D 74 -6.97 6.76 7.58
C SER D 74 -7.17 8.27 7.61
N GLU D 75 -8.27 8.72 7.01
CA GLU D 75 -8.62 10.14 7.09
C GLU D 75 -8.72 10.64 8.51
N HIS D 76 -8.97 9.75 9.48
CA HIS D 76 -9.24 10.14 10.86
C HIS D 76 -8.15 9.66 11.82
N THR D 77 -6.96 9.46 11.31
CA THR D 77 -5.79 9.12 12.12
C THR D 77 -5.15 10.35 12.72
N GLY D 78 -4.87 10.33 14.02
CA GLY D 78 -4.03 11.36 14.59
C GLY D 78 -4.80 12.67 14.78
N THR D 79 -4.04 13.75 14.88
CA THR D 79 -4.66 15.09 14.84
C THR D 79 -5.32 15.29 13.48
N HIS D 80 -6.64 15.43 13.45
CA HIS D 80 -7.35 15.37 12.18
C HIS D 80 -8.63 16.22 12.20
N PHE D 81 -9.06 16.51 10.99
CA PHE D 81 -10.17 17.40 10.67
C PHE D 81 -11.32 16.54 10.14
N ASP D 82 -12.54 16.80 10.61
CA ASP D 82 -13.75 16.14 10.11
C ASP D 82 -14.55 17.12 9.25
N ALA D 83 -14.84 16.72 7.99
CA ALA D 83 -15.72 17.48 7.11
C ALA D 83 -17.17 17.01 7.25
N PRO D 84 -18.15 17.80 6.79
CA PRO D 84 -19.55 17.40 7.02
C PRO D 84 -19.95 16.06 6.44
N SER D 85 -19.41 15.66 5.28
CA SER D 85 -19.74 14.38 4.67
C SER D 85 -19.30 13.17 5.50
N HIS D 86 -18.49 13.37 6.54
CA HIS D 86 -18.09 12.25 7.37
C HIS D 86 -19.32 11.64 8.05
N TRP D 87 -20.33 12.45 8.37
CA TRP D 87 -21.50 11.92 9.05
C TRP D 87 -22.69 11.82 8.12
N ILE D 88 -23.55 10.83 8.40
CA ILE D 88 -24.76 10.62 7.59
C ILE D 88 -25.64 11.87 7.59
N SER D 89 -25.64 12.65 8.66
CA SER D 89 -26.42 13.88 8.71
C SER D 89 -25.86 14.97 7.82
N GLY D 90 -24.63 14.82 7.35
CA GLY D 90 -24.02 15.78 6.45
C GLY D 90 -24.14 15.42 4.98
N LYS D 91 -24.88 14.39 4.62
CA LYS D 91 -24.72 13.96 3.22
C LYS D 91 -25.37 14.91 2.21
N ASP D 92 -26.26 15.82 2.62
CA ASP D 92 -26.84 16.79 1.70
C ASP D 92 -26.28 18.19 1.89
N VAL D 93 -25.19 18.32 2.63
CA VAL D 93 -24.55 19.61 2.84
C VAL D 93 -23.71 19.97 1.61
N PRO D 94 -23.80 21.17 1.07
CA PRO D 94 -22.93 21.54 -0.05
C PRO D 94 -21.50 21.74 0.41
N ASN D 95 -20.55 21.50 -0.50
CA ASN D 95 -19.12 21.62 -0.18
C ASN D 95 -18.78 20.85 1.08
N GLY D 96 -19.26 19.63 1.14
CA GLY D 96 -19.15 18.84 2.35
C GLY D 96 -17.93 17.99 2.48
N SER D 97 -17.06 17.94 1.47
CA SER D 97 -15.83 17.18 1.52
CA SER D 97 -15.83 17.18 1.52
C SER D 97 -14.64 18.13 1.65
N VAL D 98 -13.51 17.60 2.16
CA VAL D 98 -12.36 18.47 2.45
C VAL D 98 -11.78 19.15 1.24
N ASP D 99 -11.99 18.60 0.04
CA ASP D 99 -11.49 19.25 -1.16
C ASP D 99 -12.40 20.35 -1.67
N GLU D 100 -13.59 20.52 -1.08
CA GLU D 100 -14.58 21.48 -1.52
C GLU D 100 -14.81 22.61 -0.54
N ILE D 101 -14.36 22.46 0.71
CA ILE D 101 -14.60 23.53 1.70
C ILE D 101 -13.88 24.80 1.26
N PRO D 102 -14.55 25.96 1.26
CA PRO D 102 -13.89 27.19 0.83
C PRO D 102 -12.68 27.49 1.73
N ALA D 103 -11.61 28.00 1.11
CA ALA D 103 -10.33 28.14 1.80
C ALA D 103 -10.39 29.13 2.95
N GLU D 104 -11.26 30.13 2.87
CA GLU D 104 -11.43 31.07 3.98
C GLU D 104 -11.79 30.37 5.28
N ALA D 105 -12.43 29.21 5.22
CA ALA D 105 -12.78 28.49 6.42
C ALA D 105 -11.58 27.88 7.15
N PHE D 106 -10.39 27.91 6.56
CA PHE D 106 -9.22 27.25 7.12
C PHE D 106 -8.43 28.14 8.06
N VAL D 107 -8.76 29.43 8.13
CA VAL D 107 -8.07 30.38 9.00
C VAL D 107 -9.14 31.25 9.62
N GLY D 108 -9.21 31.28 10.97
CA GLY D 108 -10.25 32.08 11.59
C GLY D 108 -10.02 32.25 13.08
N PRO D 109 -10.92 33.00 13.73
CA PRO D 109 -10.81 33.21 15.18
C PRO D 109 -11.12 31.92 15.93
N VAL D 110 -10.49 31.77 17.09
CA VAL D 110 -10.68 30.63 17.96
C VAL D 110 -10.88 31.11 19.38
N VAL D 111 -11.74 30.44 20.10
CA VAL D 111 -11.87 30.60 21.55
C VAL D 111 -11.58 29.26 22.19
N VAL D 112 -11.03 29.32 23.40
CA VAL D 112 -10.59 28.12 24.13
C VAL D 112 -11.26 28.13 25.48
N ILE D 113 -12.13 27.16 25.70
CA ILE D 113 -12.86 27.03 26.95
C ILE D 113 -12.10 26.05 27.83
N ASP D 114 -11.57 26.54 28.97
CA ASP D 114 -10.71 25.71 29.82
C ASP D 114 -11.53 24.81 30.72
N CYS D 115 -11.65 23.53 30.34
CA CYS D 115 -12.36 22.53 31.12
C CYS D 115 -11.39 21.55 31.75
N SER D 116 -10.12 21.95 31.89
CA SER D 116 -9.09 21.00 32.35
C SER D 116 -9.31 20.59 33.79
N LYS D 117 -9.79 21.49 34.64
CA LYS D 117 -10.08 21.10 36.02
C LYS D 117 -11.21 20.09 36.07
N GLY D 118 -12.30 20.39 35.35
CA GLY D 118 -13.39 19.43 35.24
C GLY D 118 -12.95 18.06 34.76
N ALA D 119 -12.10 18.02 33.72
CA ALA D 119 -11.69 16.73 33.18
C ALA D 119 -10.76 15.97 34.12
N ALA D 120 -9.94 16.68 34.90
CA ALA D 120 -9.11 16.00 35.88
C ALA D 120 -9.94 15.38 37.01
N GLU D 121 -11.18 15.84 37.20
CA GLU D 121 -12.06 15.34 38.26
C GLU D 121 -13.09 14.33 37.77
N ASN D 122 -13.24 14.14 36.46
CA ASN D 122 -14.31 13.34 35.92
C ASN D 122 -13.94 12.99 34.48
N ASP D 123 -13.59 11.71 34.25
CA ASP D 123 -13.29 11.27 32.88
C ASP D 123 -14.39 11.63 31.91
N ASP D 124 -15.65 11.63 32.37
CA ASP D 124 -16.80 11.89 31.51
C ASP D 124 -17.30 13.33 31.66
N PHE D 125 -16.41 14.26 31.95
CA PHE D 125 -16.78 15.66 32.16
C PHE D 125 -17.54 16.21 30.95
N GLU D 126 -18.60 16.99 31.22
CA GLU D 126 -19.47 17.52 30.19
C GLU D 126 -19.30 19.03 30.04
N LEU D 127 -19.14 19.49 28.80
CA LEU D 127 -19.30 20.91 28.49
C LEU D 127 -20.78 21.21 28.31
N THR D 128 -21.28 22.21 29.04
CA THR D 128 -22.71 22.50 29.09
C THR D 128 -23.00 23.93 28.67
N PRO D 129 -24.25 24.25 28.35
CA PRO D 129 -24.59 25.67 28.06
C PRO D 129 -24.29 26.60 29.22
N GLU D 130 -24.44 26.12 30.46
CA GLU D 130 -24.17 26.96 31.63
C GLU D 130 -22.69 27.30 31.71
N ILE D 131 -21.82 26.34 31.38
CA ILE D 131 -20.40 26.64 31.36
C ILE D 131 -20.08 27.66 30.27
N ILE D 132 -20.71 27.51 29.10
CA ILE D 132 -20.48 28.46 28.00
C ILE D 132 -20.91 29.88 28.41
N ALA D 133 -22.09 30.00 29.02
CA ALA D 133 -22.58 31.31 29.44
C ALA D 133 -21.66 31.95 30.47
N GLY D 134 -21.18 31.17 31.44
CA GLY D 134 -20.22 31.70 32.39
C GLY D 134 -18.92 32.12 31.71
N TRP D 135 -18.48 31.33 30.72
CA TRP D 135 -17.27 31.69 29.99
C TRP D 135 -17.47 33.03 29.27
N GLU D 136 -18.63 33.22 28.67
CA GLU D 136 -18.88 34.47 27.94
C GLU D 136 -18.96 35.66 28.88
N SER D 137 -19.49 35.47 30.08
CA SER D 137 -19.51 36.57 31.03
C SER D 137 -18.11 37.06 31.33
N GLU D 138 -17.12 36.16 31.40
CA GLU D 138 -15.74 36.54 31.70
C GLU D 138 -14.96 36.97 30.48
N HIS D 139 -15.13 36.30 29.33
CA HIS D 139 -14.27 36.49 28.18
C HIS D 139 -14.92 37.20 27.01
N GLY D 140 -16.20 37.55 27.10
CA GLY D 140 -16.91 38.13 25.99
C GLY D 140 -17.66 37.07 25.18
N ARG D 141 -18.56 37.55 24.35
CA ARG D 141 -19.33 36.67 23.48
C ARG D 141 -18.40 35.94 22.52
N ILE D 142 -18.67 34.67 22.28
CA ILE D 142 -17.98 33.92 21.23
C ILE D 142 -18.26 34.62 19.90
N PRO D 143 -17.24 35.04 19.16
CA PRO D 143 -17.50 35.69 17.86
C PRO D 143 -18.10 34.71 16.86
N GLU D 144 -18.81 35.29 15.91
CA GLU D 144 -19.47 34.51 14.86
C GLU D 144 -18.45 33.75 14.03
N ASP D 145 -18.83 32.54 13.61
CA ASP D 145 -18.00 31.74 12.70
C ASP D 145 -16.62 31.42 13.30
N ALA D 146 -16.58 31.20 14.61
CA ALA D 146 -15.34 30.90 15.30
C ALA D 146 -15.16 29.39 15.50
N TRP D 147 -13.91 28.96 15.62
CA TRP D 147 -13.62 27.65 16.18
C TRP D 147 -13.77 27.73 17.68
N VAL D 148 -14.47 26.77 18.28
CA VAL D 148 -14.53 26.62 19.74
C VAL D 148 -13.75 25.37 20.10
N LEU D 149 -12.71 25.51 20.93
CA LEU D 149 -11.94 24.37 21.40
C LEU D 149 -12.27 24.11 22.86
N MET D 150 -12.59 22.86 23.16
CA MET D 150 -12.83 22.43 24.54
C MET D 150 -11.50 21.92 25.06
N ARG D 151 -10.82 22.77 25.83
CA ARG D 151 -9.54 22.39 26.43
C ARG D 151 -9.80 21.50 27.63
N THR D 152 -9.12 20.38 27.68
CA THR D 152 -9.23 19.45 28.81
C THR D 152 -7.89 19.00 29.33
N ASP D 153 -6.81 19.33 28.63
CA ASP D 153 -5.48 18.76 28.83
C ASP D 153 -5.47 17.25 28.71
N TRP D 154 -6.47 16.67 28.01
CA TRP D 154 -6.49 15.24 27.76
C TRP D 154 -5.29 14.81 26.94
N SER D 155 -4.74 15.73 26.13
CA SER D 155 -3.57 15.43 25.31
C SER D 155 -2.33 15.09 26.13
N LYS D 156 -2.37 15.30 27.46
CA LYS D 156 -1.24 14.93 28.30
C LYS D 156 -1.33 13.50 28.78
N ARG D 157 -2.45 12.83 28.53
CA ARG D 157 -2.59 11.42 28.87
CA ARG D 157 -2.58 11.42 28.88
C ARG D 157 -1.91 10.57 27.82
N ARG D 158 -1.24 9.51 28.28
CA ARG D 158 -0.45 8.70 27.36
C ARG D 158 -0.88 7.25 27.40
N GLY D 159 -0.47 6.51 26.38
CA GLY D 159 -0.77 5.09 26.35
C GLY D 159 -2.26 4.84 26.44
N ALA D 160 -2.62 3.81 27.19
CA ALA D 160 -4.02 3.40 27.24
C ALA D 160 -4.91 4.45 27.91
N ASP D 161 -4.33 5.33 28.72
CA ASP D 161 -5.08 6.37 29.40
C ASP D 161 -5.71 7.35 28.43
N TYR D 162 -5.16 7.46 27.23
CA TYR D 162 -5.66 8.49 26.30
C TYR D 162 -7.02 8.11 25.72
N LEU D 163 -7.14 6.92 25.14
CA LEU D 163 -8.45 6.45 24.71
C LEU D 163 -9.35 6.16 25.90
N ASN D 164 -8.74 5.64 26.99
CA ASN D 164 -9.45 5.39 28.26
C ASN D 164 -10.64 4.45 28.02
N MET D 165 -10.34 3.36 27.31
CA MET D 165 -11.35 2.36 27.02
CA MET D 165 -11.32 2.32 27.01
C MET D 165 -11.65 1.52 28.26
N ARG D 166 -12.95 1.33 28.51
CA ARG D 166 -13.45 0.36 29.48
C ARG D 166 -14.36 -0.62 28.75
N ALA D 167 -14.85 -1.63 29.48
CA ALA D 167 -15.65 -2.65 28.84
C ALA D 167 -16.97 -2.11 28.32
N ASP D 168 -17.44 -0.97 28.82
CA ASP D 168 -18.63 -0.28 28.33
C ASP D 168 -18.31 0.91 27.44
N GLY D 169 -17.11 0.96 26.88
CA GLY D 169 -16.77 1.99 25.92
C GLY D 169 -15.73 2.95 26.48
N PRO D 170 -15.35 3.95 25.71
CA PRO D 170 -14.38 4.93 26.21
C PRO D 170 -15.02 5.93 27.14
N HIS D 171 -14.22 6.42 28.09
CA HIS D 171 -14.67 7.45 29.02
C HIS D 171 -13.78 8.67 28.83
N SER D 172 -14.31 9.70 28.19
CA SER D 172 -13.52 10.90 27.93
C SER D 172 -14.48 12.07 27.82
N PRO D 173 -14.00 13.29 28.02
CA PRO D 173 -14.91 14.44 28.12
C PRO D 173 -15.51 14.80 26.77
N GLY D 174 -16.64 15.53 26.83
CA GLY D 174 -17.24 16.03 25.62
C GLY D 174 -18.38 16.98 25.89
N PRO D 175 -19.03 17.47 24.83
CA PRO D 175 -20.15 18.41 24.96
C PRO D 175 -21.49 17.70 25.04
N THR D 176 -22.44 18.31 25.76
CA THR D 176 -23.80 17.78 25.74
C THR D 176 -24.49 18.18 24.44
N PRO D 177 -25.59 17.49 24.08
CA PRO D 177 -26.37 17.95 22.92
C PRO D 177 -26.76 19.41 22.99
N GLU D 178 -27.18 19.90 24.17
CA GLU D 178 -27.64 21.29 24.24
C GLU D 178 -26.48 22.27 24.13
N ALA D 179 -25.30 21.90 24.59
CA ALA D 179 -24.13 22.74 24.38
C ALA D 179 -23.83 22.88 22.89
N ILE D 180 -23.85 21.77 22.14
CA ILE D 180 -23.57 21.87 20.71
C ILE D 180 -24.67 22.62 19.99
N ARG D 181 -25.93 22.36 20.36
CA ARG D 181 -27.03 23.05 19.71
C ARG D 181 -26.91 24.56 19.94
N PHE D 182 -26.55 24.96 21.17
CA PHE D 182 -26.40 26.38 21.45
C PHE D 182 -25.30 27.00 20.59
N LEU D 183 -24.15 26.33 20.49
CA LEU D 183 -23.04 26.90 19.73
C LEU D 183 -23.38 27.06 18.26
N ILE D 184 -24.11 26.08 17.69
CA ILE D 184 -24.48 26.15 16.26
C ILE D 184 -25.55 27.20 16.03
N GLU D 185 -26.64 27.12 16.78
CA GLU D 185 -27.83 27.94 16.53
C GLU D 185 -27.70 29.36 17.06
N GLU D 186 -27.04 29.54 18.20
CA GLU D 186 -27.00 30.86 18.80
C GLU D 186 -25.69 31.58 18.58
N ARG D 187 -24.61 30.86 18.24
CA ARG D 187 -23.33 31.52 17.97
C ARG D 187 -22.77 31.25 16.57
N ASN D 188 -23.43 30.42 15.77
CA ASN D 188 -23.02 30.08 14.41
C ASN D 188 -21.53 29.76 14.34
N ILE D 189 -21.11 28.84 15.22
CA ILE D 189 -19.70 28.47 15.21
C ILE D 189 -19.30 27.83 13.89
N ARG D 190 -18.01 27.91 13.57
CA ARG D 190 -17.43 27.28 12.40
C ARG D 190 -17.19 25.79 12.64
N GLY D 191 -16.78 25.46 13.85
CA GLY D 191 -16.41 24.09 14.16
C GLY D 191 -16.04 23.97 15.62
N PHE D 192 -15.90 22.72 16.05
CA PHE D 192 -15.63 22.38 17.44
C PHE D 192 -14.45 21.42 17.50
N GLY D 193 -13.55 21.64 18.47
CA GLY D 193 -12.33 20.86 18.56
C GLY D 193 -12.05 20.40 19.96
N THR D 194 -11.38 19.24 20.04
CA THR D 194 -11.07 18.59 21.33
C THR D 194 -9.67 18.01 21.33
N GLU D 195 -9.22 17.62 22.53
CA GLU D 195 -7.98 16.92 22.77
C GLU D 195 -8.17 15.42 22.91
N THR D 196 -9.30 14.91 22.52
CA THR D 196 -9.61 13.48 22.58
C THR D 196 -9.81 12.96 21.16
N VAL D 197 -9.97 11.65 21.00
CA VAL D 197 -10.16 11.10 19.66
C VAL D 197 -11.51 11.45 19.04
N GLY D 198 -12.38 12.11 19.74
CA GLY D 198 -13.68 12.43 19.18
C GLY D 198 -14.18 13.78 19.62
N THR D 199 -14.96 14.40 18.75
CA THR D 199 -15.64 15.61 19.15
C THR D 199 -16.78 15.33 20.11
N ASP D 200 -17.19 14.07 20.28
CA ASP D 200 -18.16 13.67 21.28
C ASP D 200 -17.46 13.10 22.51
N ALA D 201 -18.18 13.17 23.62
CA ALA D 201 -17.77 12.43 24.81
C ALA D 201 -17.63 10.95 24.49
N GLY D 202 -16.75 10.25 25.21
CA GLY D 202 -16.53 8.84 24.93
C GLY D 202 -17.82 8.04 25.05
N GLN D 203 -18.67 8.42 25.99
CA GLN D 203 -19.95 7.75 26.15
C GLN D 203 -21.05 8.41 25.33
N GLY D 204 -20.69 9.18 24.32
CA GLY D 204 -21.65 9.98 23.57
C GLY D 204 -22.66 9.18 22.76
N ALA D 205 -22.43 7.88 22.56
CA ALA D 205 -23.45 7.07 21.89
C ALA D 205 -24.72 6.97 22.71
N HIS D 206 -24.70 7.32 23.99
CA HIS D 206 -25.84 7.26 24.86
C HIS D 206 -26.59 8.58 24.98
N TYR D 207 -26.07 9.65 24.40
CA TYR D 207 -26.84 10.87 24.28
C TYR D 207 -27.95 10.69 23.24
N VAL D 208 -28.89 11.62 23.26
CA VAL D 208 -29.93 11.70 22.23
C VAL D 208 -29.88 13.07 21.55
N PRO D 209 -29.52 13.15 20.26
CA PRO D 209 -29.17 12.08 19.33
C PRO D 209 -27.83 11.45 19.69
N PRO D 210 -27.58 10.21 19.27
CA PRO D 210 -26.27 9.60 19.58
C PRO D 210 -25.17 10.37 18.86
N TYR D 211 -24.03 10.50 19.53
CA TYR D 211 -22.89 11.23 19.01
C TYR D 211 -23.37 12.63 18.57
N PRO D 212 -23.90 13.42 19.49
CA PRO D 212 -24.57 14.67 19.11
C PRO D 212 -23.64 15.70 18.50
N ALA D 213 -22.36 15.77 18.92
CA ALA D 213 -21.47 16.69 18.24
C ALA D 213 -21.35 16.33 16.77
N HIS D 214 -21.07 15.06 16.48
CA HIS D 214 -20.96 14.67 15.08
C HIS D 214 -22.27 14.90 14.33
N TYR D 215 -23.38 14.41 14.90
CA TYR D 215 -24.65 14.50 14.20
C TYR D 215 -25.04 15.96 13.97
N LEU D 216 -24.95 16.79 15.00
CA LEU D 216 -25.42 18.15 14.86
C LEU D 216 -24.43 19.04 14.11
N LEU D 217 -23.13 18.96 14.43
CA LEU D 217 -22.15 19.77 13.71
C LEU D 217 -22.21 19.48 12.22
N HIS D 218 -22.12 18.20 11.86
CA HIS D 218 -22.02 17.92 10.43
C HIS D 218 -23.35 18.09 9.71
N GLY D 219 -24.46 17.89 10.43
CA GLY D 219 -25.76 18.20 9.84
C GLY D 219 -25.96 19.68 9.56
N ALA D 220 -25.25 20.57 10.26
CA ALA D 220 -25.29 22.00 10.05
C ALA D 220 -24.12 22.51 9.20
N GLY D 221 -23.38 21.60 8.54
CA GLY D 221 -22.28 22.04 7.71
C GLY D 221 -21.07 22.53 8.45
N LYS D 222 -20.92 22.15 9.72
CA LYS D 222 -19.79 22.60 10.52
C LYS D 222 -18.74 21.50 10.60
N TYR D 223 -17.58 21.88 11.13
CA TYR D 223 -16.37 21.07 11.09
C TYR D 223 -15.95 20.59 12.49
N GLY D 224 -15.14 19.53 12.50
CA GLY D 224 -14.63 18.99 13.74
C GLY D 224 -13.12 18.89 13.72
N LEU D 225 -12.51 19.08 14.88
CA LEU D 225 -11.09 18.83 15.09
C LEU D 225 -10.92 17.89 16.27
N GLN D 226 -10.02 16.91 16.14
CA GLN D 226 -9.80 15.91 17.18
CA GLN D 226 -9.79 15.96 17.23
C GLN D 226 -8.30 15.72 17.39
N CYS D 227 -7.94 15.21 18.58
CA CYS D 227 -6.56 14.87 18.91
C CYS D 227 -5.68 16.12 18.85
N LEU D 228 -6.24 17.27 19.27
CA LEU D 228 -5.40 18.45 19.41
C LEU D 228 -4.48 18.31 20.62
N ALA D 229 -3.30 18.91 20.51
CA ALA D 229 -2.28 18.95 21.56
C ALA D 229 -2.01 20.40 21.96
N ASN D 230 -1.50 20.59 23.19
CA ASN D 230 -0.90 21.86 23.62
C ASN D 230 -1.90 23.01 23.70
N LEU D 231 -3.18 22.71 23.96
CA LEU D 231 -4.16 23.78 24.05
C LEU D 231 -3.89 24.68 25.24
N ASP D 232 -3.15 24.17 26.23
CA ASP D 232 -2.80 24.98 27.40
C ASP D 232 -1.83 26.11 27.05
N GLN D 233 -1.30 26.15 25.84
CA GLN D 233 -0.49 27.28 25.41
C GLN D 233 -1.32 28.43 24.87
N LEU D 234 -2.62 28.29 24.77
CA LEU D 234 -3.43 29.27 24.06
C LEU D 234 -4.18 30.18 25.03
N PRO D 235 -4.39 31.44 24.63
CA PRO D 235 -5.29 32.33 25.36
C PRO D 235 -6.73 31.94 25.11
N ALA D 236 -7.59 32.26 26.08
CA ALA D 236 -9.02 32.03 25.90
C ALA D 236 -9.57 32.72 24.66
N THR D 237 -9.11 33.94 24.37
CA THR D 237 -9.55 34.71 23.22
C THR D 237 -8.36 35.37 22.57
N GLY D 238 -8.54 35.74 21.31
CA GLY D 238 -7.57 36.58 20.60
C GLY D 238 -6.65 35.83 19.67
N ALA D 239 -6.65 34.51 19.68
CA ALA D 239 -5.79 33.73 18.80
C ALA D 239 -6.50 33.41 17.49
N VAL D 240 -5.71 32.97 16.50
CA VAL D 240 -6.19 32.63 15.18
C VAL D 240 -5.80 31.18 14.90
N LEU D 241 -6.79 30.35 14.57
CA LEU D 241 -6.51 28.96 14.27
C LEU D 241 -6.31 28.76 12.77
N ILE D 242 -5.30 27.96 12.43
CA ILE D 242 -5.02 27.54 11.05
C ILE D 242 -5.27 26.04 11.03
N ALA D 243 -6.30 25.62 10.28
CA ALA D 243 -6.69 24.21 10.24
C ALA D 243 -7.09 23.93 8.80
N ALA D 244 -6.08 23.59 7.98
CA ALA D 244 -6.28 23.40 6.55
C ALA D 244 -6.09 21.93 6.21
N PRO D 245 -7.17 21.17 5.99
CA PRO D 245 -7.03 19.74 5.73
C PRO D 245 -6.46 19.47 4.34
N LEU D 246 -5.94 18.26 4.18
CA LEU D 246 -5.47 17.81 2.86
C LEU D 246 -6.61 17.86 1.86
N LYS D 247 -6.27 18.14 0.60
CA LYS D 247 -7.28 18.31 -0.46
C LYS D 247 -7.63 16.94 -1.08
N ILE D 248 -8.14 16.05 -0.22
CA ILE D 248 -8.49 14.70 -0.66
C ILE D 248 -9.76 14.70 -1.50
N LYS D 249 -9.69 14.05 -2.67
CA LYS D 249 -10.87 14.00 -3.55
C LYS D 249 -12.03 13.35 -2.84
N ASN D 250 -13.13 14.10 -2.76
CA ASN D 250 -14.34 13.70 -2.01
C ASN D 250 -14.03 13.21 -0.59
N GLY D 251 -12.96 13.72 0.01
CA GLY D 251 -12.55 13.25 1.32
C GLY D 251 -13.47 13.69 2.45
N THR D 252 -13.58 12.80 3.45
CA THR D 252 -14.43 13.09 4.60
C THR D 252 -13.68 13.76 5.74
N GLY D 253 -12.38 13.91 5.62
CA GLY D 253 -11.54 14.40 6.70
C GLY D 253 -10.11 14.22 6.29
N SER D 254 -9.21 14.65 7.17
CA SER D 254 -7.81 14.34 6.91
C SER D 254 -6.98 14.60 8.16
N PRO D 255 -5.89 13.86 8.35
CA PRO D 255 -4.83 14.33 9.25
C PRO D 255 -4.36 15.68 8.76
N LEU D 256 -3.93 16.52 9.69
CA LEU D 256 -3.44 17.83 9.29
C LEU D 256 -2.58 18.41 10.40
N ARG D 257 -1.82 19.42 10.04
CA ARG D 257 -1.04 20.21 10.98
C ARG D 257 -1.91 21.38 11.44
N VAL D 258 -2.33 21.35 12.69
CA VAL D 258 -3.14 22.42 13.25
C VAL D 258 -2.23 23.38 14.01
N LEU D 259 -2.38 24.67 13.74
CA LEU D 259 -1.56 25.69 14.37
C LEU D 259 -2.44 26.79 14.93
N ALA D 260 -1.89 27.53 15.91
CA ALA D 260 -2.51 28.79 16.29
C ALA D 260 -1.49 29.91 16.21
N MET D 261 -1.95 31.09 15.82
CA MET D 261 -1.16 32.30 15.92
C MET D 261 -1.63 33.05 17.16
N VAL D 262 -0.69 33.46 18.01
CA VAL D 262 -0.99 34.06 19.30
C VAL D 262 -0.20 35.35 19.45
N THR D 263 -0.82 36.32 20.11
CA THR D 263 -0.22 37.62 20.36
C THR D 263 0.57 37.49 21.65
N GLU D 264 1.84 37.85 21.62
CA GLU D 264 2.66 37.78 22.84
C GLU D 264 2.18 38.78 23.88
C8 BZM E . -2.96 -21.64 15.50
O8 BZM E . -4.34 -21.44 15.42
C7 BZM E . -5.06 -22.63 15.29
O7 BZM E . -4.46 -23.49 14.37
C6 BZM E . -6.50 -22.26 14.92
C1 BZM E . -6.99 -20.98 15.14
C5 BZM E . -7.38 -23.22 14.40
C2 BZM E . -8.32 -20.67 14.80
C4 BZM E . -8.67 -22.90 14.08
C3 BZM E . -9.17 -21.63 14.29
C9 BZM E . -2.29 -20.35 15.05
C14 BZM E . -2.03 -20.19 13.70
C10 BZM E . -1.96 -19.38 15.98
C13 BZM E . -1.41 -19.04 13.25
C11 BZM E . -1.34 -18.22 15.52
C12 BZM E . -1.07 -18.05 14.18
MN MN F . -0.98 -20.77 8.48
C1 BTB G . -12.41 -32.02 24.00
O1 BTB G . -11.34 -32.74 24.59
C2 BTB G . -12.04 -30.55 23.75
C3 BTB G . -11.60 -29.90 25.08
O3 BTB G . -12.65 -29.90 26.04
C4 BTB G . -13.31 -29.84 23.24
O4 BTB G . -13.00 -28.60 22.63
N BTB G . -10.98 -30.33 22.75
C5 BTB G . -9.61 -30.63 23.24
C6 BTB G . -8.69 -29.43 22.99
O6 BTB G . -9.29 -28.30 23.58
C7 BTB G . -11.25 -31.07 21.50
C8 BTB G . -10.53 -30.45 20.29
O8 BTB G . -10.73 -29.06 20.28
C8 BZM H . 7.21 -5.80 -23.01
O8 BZM H . 6.12 -5.24 -22.35
C7 BZM H . 5.20 -6.21 -22.15
O7 BZM H . 5.99 -7.27 -21.69
C6 BZM H . 4.10 -5.62 -21.27
C1 BZM H . 3.57 -4.41 -21.68
C5 BZM H . 3.62 -6.26 -20.14
C2 BZM H . 2.55 -3.85 -20.95
C4 BZM H . 2.61 -5.69 -19.39
C3 BZM H . 2.06 -4.46 -19.81
C9 BZM H . 8.39 -5.50 -22.12
C14 BZM H . 8.40 -4.34 -21.39
C10 BZM H . 9.42 -6.42 -22.06
C13 BZM H . 9.50 -4.07 -20.59
C11 BZM H . 10.51 -6.12 -21.28
C12 BZM H . 10.55 -4.98 -20.54
MN MN I . 3.12 -10.35 -16.71
OH2 1PE J . 6.37 -31.21 -39.98
C12 1PE J . 7.53 -30.59 -40.47
C22 1PE J . 8.18 -29.69 -39.42
OH3 1PE J . 8.66 -30.42 -38.33
C13 1PE J . 10.56 -31.68 -37.50
C23 1PE J . 9.61 -31.36 -38.64
OH4 1PE J . 10.71 -33.08 -37.47
C14 1PE J . 9.81 -35.01 -36.37
C24 1PE J . 9.51 -33.74 -37.17
OH5 1PE J . 9.47 -34.80 -35.03
C15 1PE J . 8.50 -35.49 -32.95
C25 1PE J . 8.46 -35.60 -34.48
OH6 1PE J . 9.75 -35.96 -32.50
C16 1PE J . 11.12 -36.68 -30.66
C26 1PE J . 9.90 -35.87 -31.10
OH7 1PE J . 11.83 -37.11 -31.79
C1 PEG K . -0.81 -6.69 3.30
O1 PEG K . -2.04 -7.01 3.90
C2 PEG K . -0.21 -5.43 3.90
O2 PEG K . 0.74 -4.92 3.00
C3 PEG K . 2.01 -5.53 3.02
C4 PEG K . 2.90 -4.86 4.05
O4 PEG K . 4.02 -4.22 3.50
C8 BZM L . 14.82 15.71 -8.17
O8 BZM L . 14.10 15.56 -9.32
C7 BZM L . 13.96 16.75 -10.01
O7 BZM L . 13.51 17.62 -9.01
C6 BZM L . 12.89 16.48 -11.08
C1 BZM L . 12.15 17.52 -11.59
C5 BZM L . 12.68 15.17 -11.53
C2 BZM L . 11.20 17.26 -12.55
C4 BZM L . 11.70 14.91 -12.51
C3 BZM L . 10.98 15.97 -12.99
C9 BZM L . 14.43 14.58 -7.25
C14 BZM L . 13.34 14.76 -6.39
C10 BZM L . 15.14 13.38 -7.19
C13 BZM L . 12.99 13.76 -5.50
C11 BZM L . 14.76 12.40 -6.31
C12 BZM L . 13.69 12.56 -5.47
MN MN M . 9.44 16.39 -3.03
C8 BZM N . -17.87 9.05 17.11
O8 BZM N . -17.01 8.56 18.08
C7 BZM N . -16.93 9.34 19.22
O7 BZM N . -16.90 10.72 18.96
C6 BZM N . -15.84 8.85 20.17
C1 BZM N . -15.33 9.73 21.13
C5 BZM N . -15.35 7.54 20.08
C2 BZM N . -14.35 9.30 22.01
C4 BZM N . -14.37 7.13 20.97
C3 BZM N . -13.87 8.01 21.94
C9 BZM N . -17.38 8.40 15.82
C14 BZM N . -16.33 8.93 15.09
C10 BZM N . -18.04 7.26 15.39
C13 BZM N . -15.92 8.30 13.92
C11 BZM N . -17.63 6.65 14.24
C12 BZM N . -16.58 7.16 13.49
MN MN O . -12.68 12.08 12.86
#